data_9GKF
#
_entry.id   9GKF
#
_cell.length_a   1.00
_cell.length_b   1.00
_cell.length_c   1.00
_cell.angle_alpha   90.00
_cell.angle_beta   90.00
_cell.angle_gamma   90.00
#
_symmetry.space_group_name_H-M   'P 1'
#
_entity_poly.entity_id   1
_entity_poly.type   'polypeptide(L)'
_entity_poly.pdbx_seq_one_letter_code
;MSKSESPKEPEQLRKLFIGGLSFETTDESLRSHFEQWGTLTDCVVMRDPNTKRSRGFGFVTYATVEEVDAAMNARPHKVD
GRVVEPKRAVSREDSQRPGAHLTVKKIFVGGIKEDTEEHHLRDYFEQYGKIEVIEIMTDRGSGKKRGFAFVTFDDHDSVD
KIVIQKYHTVNGHNCEVRKALSKQEMASASSSQRGRSGSGNFGGGRGGGFGGNDNFGRGGNFSGRGGFGGSRGGGGYGGS
GDGYNGFGNDGSNFGGGGSYNDFGNYNNQSSNFGPMKGGNFGGRSSGPYGGGGQYFAKPRNQGGYGGSSSSSSYGSGRRF
;
_entity_poly.pdbx_strand_id   A,B,C,D,E,F,G,H,I,J,K,L,M,N,O,P,Q,R,S,T
#
# COMPACT_ATOMS: atom_id res chain seq x y z
N GLY A 241 -16.73 46.43 -4.12
CA GLY A 241 -17.26 45.09 -4.31
C GLY A 241 -16.34 44.19 -5.12
N ASP A 242 -16.86 43.66 -6.22
CA ASP A 242 -16.09 42.78 -7.09
C ASP A 242 -16.08 43.34 -8.51
N GLY A 243 -14.94 43.17 -9.19
CA GLY A 243 -14.66 43.88 -10.42
C GLY A 243 -14.70 42.95 -11.62
N TYR A 244 -14.68 43.57 -12.80
CA TYR A 244 -14.51 42.81 -14.04
C TYR A 244 -13.99 43.74 -15.11
N ASN A 245 -12.78 43.47 -15.60
CA ASN A 245 -12.11 44.32 -16.57
C ASN A 245 -11.87 43.59 -17.88
N GLY A 246 -12.76 42.69 -18.25
CA GLY A 246 -12.51 41.81 -19.39
C GLY A 246 -12.55 42.54 -20.71
N PHE A 247 -11.84 41.98 -21.69
CA PHE A 247 -11.78 42.49 -23.05
C PHE A 247 -12.13 41.37 -24.02
N GLY A 248 -12.91 41.70 -25.04
CA GLY A 248 -13.23 40.73 -26.07
C GLY A 248 -14.15 39.60 -25.64
N ASN A 249 -15.30 39.93 -25.06
CA ASN A 249 -16.11 38.94 -24.37
C ASN A 249 -16.87 38.03 -25.31
N ASP A 250 -17.02 38.42 -26.59
CA ASP A 250 -17.60 37.60 -27.65
C ASP A 250 -18.94 36.98 -27.24
N GLY A 251 -18.92 35.71 -26.84
CA GLY A 251 -20.15 35.02 -26.48
C GLY A 251 -21.17 34.82 -27.59
N SER A 252 -20.78 35.04 -28.85
CA SER A 252 -21.73 35.18 -29.94
C SER A 252 -21.99 33.87 -30.69
N ASN A 253 -22.85 33.96 -31.70
CA ASN A 253 -23.10 32.94 -32.73
C ASN A 253 -23.27 31.53 -32.14
N PHE A 254 -24.25 31.45 -31.24
CA PHE A 254 -24.44 30.31 -30.34
C PHE A 254 -24.34 28.95 -31.04
N GLY A 255 -24.92 28.82 -32.24
CA GLY A 255 -24.90 27.53 -32.90
C GLY A 255 -23.59 27.12 -33.53
N GLY A 256 -22.66 28.05 -33.72
CA GLY A 256 -21.43 27.73 -34.40
C GLY A 256 -21.54 27.54 -35.90
N GLY A 257 -22.68 27.87 -36.51
CA GLY A 257 -22.83 27.72 -37.94
C GLY A 257 -23.09 26.32 -38.45
N GLY A 258 -23.43 25.38 -37.58
CA GLY A 258 -23.82 24.07 -38.05
C GLY A 258 -25.20 24.05 -38.69
N SER A 259 -25.53 22.92 -39.31
CA SER A 259 -26.75 22.75 -40.08
C SER A 259 -27.64 21.70 -39.45
N TYR A 260 -28.96 21.90 -39.57
CA TYR A 260 -29.97 20.95 -39.12
C TYR A 260 -29.88 20.65 -37.63
N ASN A 261 -29.22 21.53 -36.86
CA ASN A 261 -29.24 21.44 -35.42
C ASN A 261 -30.61 21.82 -34.87
N ASP A 262 -30.97 21.23 -33.74
CA ASP A 262 -32.26 21.49 -33.11
C ASP A 262 -32.05 21.61 -31.60
N PHE A 263 -33.03 22.20 -30.94
CA PHE A 263 -32.91 22.62 -29.55
C PHE A 263 -34.01 21.97 -28.72
N GLY A 264 -33.64 21.43 -27.56
CA GLY A 264 -34.63 20.90 -26.65
C GLY A 264 -35.36 21.99 -25.89
N ASN A 265 -36.42 21.59 -25.20
CA ASN A 265 -37.26 22.52 -24.46
C ASN A 265 -36.59 22.94 -23.16
N TYR A 266 -36.99 24.12 -22.67
CA TYR A 266 -36.65 24.64 -21.35
C TYR A 266 -35.15 24.82 -21.14
N ASN A 267 -34.36 24.85 -22.21
CA ASN A 267 -32.94 25.18 -22.06
C ASN A 267 -32.77 26.64 -21.67
N ASN A 268 -31.69 26.92 -20.94
CA ASN A 268 -31.18 28.28 -20.80
C ASN A 268 -30.00 28.44 -21.76
N GLN A 269 -30.19 29.24 -22.80
CA GLN A 269 -29.16 29.49 -23.80
C GLN A 269 -28.77 30.97 -23.85
N SER A 270 -29.11 31.72 -22.80
CA SER A 270 -28.85 33.16 -22.79
C SER A 270 -27.36 33.46 -22.69
N SER A 271 -26.98 34.63 -23.19
CA SER A 271 -25.67 35.21 -22.94
C SER A 271 -25.84 36.44 -22.05
N ASN A 272 -25.18 36.45 -20.91
CA ASN A 272 -25.40 37.43 -19.86
C ASN A 272 -24.11 38.16 -19.55
N PHE A 273 -24.24 39.47 -19.30
CA PHE A 273 -23.10 40.36 -19.16
C PHE A 273 -23.34 41.33 -18.01
N GLY A 274 -22.26 41.68 -17.32
CA GLY A 274 -22.33 42.56 -16.17
C GLY A 274 -22.68 41.85 -14.87
N PRO A 275 -22.78 42.62 -13.79
CA PRO A 275 -23.00 42.03 -12.47
C PRO A 275 -24.33 41.28 -12.39
N MET A 276 -24.28 40.13 -11.73
CA MET A 276 -25.43 39.24 -11.63
C MET A 276 -25.65 38.85 -10.18
N LYS A 277 -26.91 38.68 -9.81
CA LYS A 277 -27.30 38.16 -8.51
C LYS A 277 -28.50 37.25 -8.68
N GLY A 278 -28.63 36.29 -7.76
CA GLY A 278 -29.67 35.28 -7.82
C GLY A 278 -29.28 34.03 -8.58
N GLY A 279 -28.15 34.02 -9.26
CA GLY A 279 -27.63 32.83 -9.88
C GLY A 279 -28.29 32.46 -11.20
N ASN A 280 -27.62 31.56 -11.91
CA ASN A 280 -28.03 31.09 -13.23
C ASN A 280 -28.48 29.64 -13.12
N PHE A 281 -29.59 29.31 -13.77
CA PHE A 281 -30.16 27.98 -13.64
C PHE A 281 -30.45 27.40 -15.02
N GLY A 282 -30.58 26.08 -15.05
CA GLY A 282 -31.17 25.38 -16.17
C GLY A 282 -32.67 25.30 -16.07
N GLY A 283 -33.24 24.40 -16.86
CA GLY A 283 -34.68 24.21 -16.82
C GLY A 283 -35.12 23.54 -15.53
N ARG A 284 -36.36 23.82 -15.14
CA ARG A 284 -36.96 23.22 -13.96
C ARG A 284 -38.17 22.39 -14.39
N SER A 285 -38.36 21.25 -13.73
CA SER A 285 -39.52 20.40 -13.98
C SER A 285 -40.14 19.97 -12.66
N SER A 286 -41.46 19.94 -12.62
CA SER A 286 -42.23 19.11 -11.72
C SER A 286 -42.87 17.99 -12.54
N GLY A 287 -42.49 16.76 -12.24
CA GLY A 287 -42.86 15.65 -13.08
C GLY A 287 -44.33 15.33 -13.05
N PRO A 288 -44.78 14.54 -14.02
CA PRO A 288 -46.23 14.29 -14.17
C PRO A 288 -46.84 13.71 -12.91
N TYR A 289 -48.07 14.14 -12.62
CA TYR A 289 -48.80 13.72 -11.43
C TYR A 289 -49.76 12.59 -11.77
N GLY A 290 -50.30 11.98 -10.72
CA GLY A 290 -51.34 10.98 -10.89
C GLY A 290 -50.87 9.70 -11.56
N GLY A 291 -49.60 9.36 -11.44
CA GLY A 291 -49.07 8.14 -12.02
C GLY A 291 -48.59 8.25 -13.44
N GLY A 292 -48.64 9.44 -14.04
CA GLY A 292 -48.05 9.63 -15.35
C GLY A 292 -46.53 9.51 -15.29
N GLY A 293 -45.97 8.75 -16.23
CA GLY A 293 -44.54 8.59 -16.30
C GLY A 293 -43.86 9.68 -17.11
N GLN A 294 -42.57 9.87 -16.84
CA GLN A 294 -41.73 10.78 -17.60
C GLN A 294 -40.72 9.98 -18.40
N TYR A 295 -40.66 10.22 -19.71
CA TYR A 295 -39.96 9.33 -20.62
C TYR A 295 -39.00 10.13 -21.50
N PHE A 296 -37.82 9.56 -21.73
CA PHE A 296 -36.84 10.08 -22.66
C PHE A 296 -36.38 8.96 -23.58
N ALA A 297 -36.22 9.28 -24.86
CA ALA A 297 -35.78 8.28 -25.83
C ALA A 297 -35.07 8.95 -27.01
N GLY B 241 -12.66 43.48 -2.72
CA GLY B 241 -13.15 42.15 -3.05
C GLY B 241 -12.34 41.49 -4.14
N ASP B 242 -12.99 40.59 -4.88
CA ASP B 242 -12.30 39.83 -5.92
C ASP B 242 -12.25 40.64 -7.22
N GLY B 243 -11.24 40.33 -8.04
CA GLY B 243 -11.02 41.02 -9.29
C GLY B 243 -10.90 40.04 -10.43
N TYR B 244 -10.95 40.57 -11.65
CA TYR B 244 -10.82 39.73 -12.83
C TYR B 244 -10.33 40.58 -14.00
N ASN B 245 -9.19 40.19 -14.57
CA ASN B 245 -8.56 40.95 -15.64
C ASN B 245 -8.39 40.08 -16.88
N GLY B 246 -9.44 39.34 -17.23
CA GLY B 246 -9.33 38.38 -18.33
C GLY B 246 -9.31 39.05 -19.69
N PHE B 247 -8.34 38.68 -20.52
CA PHE B 247 -8.24 39.13 -21.89
C PHE B 247 -8.66 38.01 -22.82
N GLY B 248 -9.56 38.30 -23.76
CA GLY B 248 -9.99 37.30 -24.72
C GLY B 248 -10.90 36.22 -24.17
N ASN B 249 -12.06 36.60 -23.63
CA ASN B 249 -12.88 35.66 -22.86
C ASN B 249 -13.69 34.71 -23.73
N ASP B 250 -13.94 35.07 -24.99
CA ASP B 250 -14.48 34.15 -26.00
C ASP B 250 -15.81 33.53 -25.57
N GLY B 251 -15.77 32.30 -25.04
CA GLY B 251 -16.98 31.63 -24.61
C GLY B 251 -18.02 31.40 -25.68
N SER B 252 -17.66 31.53 -26.96
CA SER B 252 -18.60 31.67 -28.06
C SER B 252 -18.99 30.34 -28.70
N ASN B 253 -20.00 30.44 -29.58
CA ASN B 253 -20.35 29.43 -30.59
C ASN B 253 -20.54 28.02 -30.01
N PHE B 254 -21.27 27.96 -28.90
CA PHE B 254 -21.63 26.76 -28.15
C PHE B 254 -21.74 25.46 -28.95
N GLY B 255 -22.52 25.46 -30.02
CA GLY B 255 -22.83 24.22 -30.72
C GLY B 255 -21.64 23.49 -31.30
N GLY B 256 -20.52 24.18 -31.51
CA GLY B 256 -19.33 23.54 -32.04
C GLY B 256 -19.22 23.52 -33.55
N GLY B 257 -20.26 23.93 -34.27
CA GLY B 257 -20.23 23.93 -35.72
C GLY B 257 -20.47 22.58 -36.37
N GLY B 258 -20.71 21.52 -35.59
CA GLY B 258 -21.23 20.30 -36.15
C GLY B 258 -22.71 20.37 -36.49
N SER B 259 -23.19 19.31 -37.11
CA SER B 259 -24.51 19.30 -37.73
C SER B 259 -25.35 18.17 -37.17
N TYR B 260 -26.67 18.27 -37.35
CA TYR B 260 -27.64 17.28 -36.89
C TYR B 260 -27.63 17.06 -35.39
N ASN B 261 -27.08 17.99 -34.62
CA ASN B 261 -27.06 17.84 -33.17
C ASN B 261 -28.44 18.13 -32.58
N ASP B 262 -28.68 17.56 -31.40
CA ASP B 262 -29.87 17.85 -30.61
C ASP B 262 -29.44 18.42 -29.27
N PHE B 263 -29.68 19.71 -29.07
CA PHE B 263 -29.38 20.40 -27.81
C PHE B 263 -30.52 20.14 -26.84
N GLY B 264 -30.49 18.97 -26.22
CA GLY B 264 -31.64 18.45 -25.50
C GLY B 264 -32.11 19.24 -24.30
N ASN B 265 -33.07 18.66 -23.57
CA ASN B 265 -33.99 19.40 -22.72
C ASN B 265 -33.38 19.83 -21.39
N TYR B 266 -33.92 20.92 -20.84
CA TYR B 266 -33.63 21.46 -19.52
C TYR B 266 -32.17 21.78 -19.25
N ASN B 267 -31.31 21.81 -20.26
CA ASN B 267 -29.91 22.12 -20.00
C ASN B 267 -29.74 23.59 -19.63
N ASN B 268 -28.70 23.89 -18.87
CA ASN B 268 -28.15 25.23 -18.77
C ASN B 268 -26.98 25.36 -19.74
N GLN B 269 -27.18 26.13 -20.80
CA GLN B 269 -26.17 26.28 -21.85
C GLN B 269 -25.65 27.72 -21.93
N SER B 270 -25.88 28.52 -20.90
CA SER B 270 -25.64 29.95 -20.95
C SER B 270 -24.15 30.27 -20.91
N SER B 271 -23.81 31.44 -21.46
CA SER B 271 -22.47 32.02 -21.32
C SER B 271 -22.61 33.32 -20.54
N ASN B 272 -21.92 33.40 -19.40
CA ASN B 272 -22.13 34.45 -18.42
C ASN B 272 -20.82 35.16 -18.14
N PHE B 273 -20.84 36.50 -18.15
CA PHE B 273 -19.65 37.32 -18.00
C PHE B 273 -19.91 38.39 -16.95
N GLY B 274 -18.97 38.58 -16.05
CA GLY B 274 -19.12 39.55 -14.98
C GLY B 274 -19.51 38.90 -13.67
N PRO B 275 -19.42 39.65 -12.57
CA PRO B 275 -19.42 39.04 -11.24
C PRO B 275 -20.78 38.45 -10.89
N MET B 276 -20.78 37.18 -10.50
CA MET B 276 -21.99 36.39 -10.30
C MET B 276 -22.16 36.04 -8.84
N LYS B 277 -23.38 36.13 -8.35
CA LYS B 277 -23.72 35.76 -6.99
C LYS B 277 -24.96 34.88 -6.99
N GLY B 278 -24.95 33.85 -6.14
CA GLY B 278 -26.01 32.87 -6.07
C GLY B 278 -25.73 31.57 -6.79
N GLY B 279 -24.56 31.42 -7.40
CA GLY B 279 -24.13 30.14 -7.95
C GLY B 279 -24.73 29.82 -9.29
N ASN B 280 -24.20 28.76 -9.90
CA ASN B 280 -24.57 28.29 -11.22
C ASN B 280 -25.06 26.84 -11.11
N PHE B 281 -26.20 26.54 -11.72
CA PHE B 281 -26.85 25.26 -11.52
C PHE B 281 -27.17 24.63 -12.88
N GLY B 282 -27.41 23.33 -12.85
CA GLY B 282 -27.97 22.61 -13.98
C GLY B 282 -29.48 22.64 -13.96
N GLY B 283 -30.07 21.65 -14.62
CA GLY B 283 -31.50 21.47 -14.53
C GLY B 283 -31.93 20.91 -13.19
N ARG B 284 -33.19 21.14 -12.85
CA ARG B 284 -33.77 20.62 -11.62
C ARG B 284 -35.01 19.83 -11.97
N SER B 285 -35.22 18.72 -11.27
CA SER B 285 -36.41 17.91 -11.44
C SER B 285 -36.99 17.54 -10.08
N SER B 286 -38.31 17.70 -9.95
CA SER B 286 -39.09 16.95 -8.96
C SER B 286 -39.82 15.84 -9.69
N GLY B 287 -39.49 14.59 -9.35
CA GLY B 287 -39.89 13.47 -10.14
C GLY B 287 -41.38 13.22 -10.11
N PRO B 288 -41.86 12.37 -11.02
CA PRO B 288 -43.30 12.13 -11.14
C PRO B 288 -43.93 11.69 -9.83
N TYR B 289 -45.20 12.01 -9.67
CA TYR B 289 -45.93 11.80 -8.44
C TYR B 289 -47.02 10.76 -8.65
N GLY B 290 -47.41 10.10 -7.56
CA GLY B 290 -48.45 9.10 -7.64
C GLY B 290 -48.04 7.81 -8.32
N GLY B 291 -46.77 7.46 -8.24
CA GLY B 291 -46.29 6.19 -8.74
C GLY B 291 -45.85 6.20 -10.19
N GLY B 292 -45.81 7.36 -10.84
CA GLY B 292 -45.23 7.45 -12.16
C GLY B 292 -43.72 7.28 -12.11
N GLY B 293 -43.19 6.49 -13.05
CA GLY B 293 -41.77 6.26 -13.11
C GLY B 293 -41.04 7.30 -13.93
N GLN B 294 -39.72 7.37 -13.73
CA GLN B 294 -38.84 8.21 -14.52
C GLN B 294 -37.88 7.32 -15.30
N TYR B 295 -37.88 7.45 -16.62
CA TYR B 295 -37.19 6.51 -17.51
C TYR B 295 -36.31 7.27 -18.47
N PHE B 296 -35.04 6.89 -18.55
CA PHE B 296 -34.11 7.33 -19.58
C PHE B 296 -33.72 6.14 -20.43
N ALA B 297 -34.09 6.17 -21.71
CA ALA B 297 -33.81 5.07 -22.61
C ALA B 297 -32.46 5.27 -23.30
N GLY C 241 -8.90 39.73 -0.82
CA GLY C 241 -9.36 39.72 -2.20
C GLY C 241 -8.50 38.85 -3.09
N ASP C 242 -9.15 37.99 -3.87
CA ASP C 242 -8.46 37.15 -4.83
C ASP C 242 -8.43 37.83 -6.20
N GLY C 243 -7.57 37.30 -7.08
CA GLY C 243 -7.35 37.90 -8.37
C GLY C 243 -7.36 36.84 -9.47
N TYR C 244 -7.38 37.32 -10.71
CA TYR C 244 -7.31 36.43 -11.87
C TYR C 244 -6.85 37.24 -13.06
N ASN C 245 -5.70 36.86 -13.64
CA ASN C 245 -5.06 37.61 -14.70
C ASN C 245 -4.94 36.77 -15.97
N GLY C 246 -5.96 35.94 -16.23
CA GLY C 246 -5.85 34.96 -17.30
C GLY C 246 -5.91 35.60 -18.67
N PHE C 247 -4.99 35.20 -19.55
CA PHE C 247 -4.97 35.64 -20.94
C PHE C 247 -5.43 34.51 -21.85
N GLY C 248 -6.43 34.78 -22.69
CA GLY C 248 -6.96 33.78 -23.59
C GLY C 248 -7.78 32.68 -22.95
N ASN C 249 -8.98 33.00 -22.49
CA ASN C 249 -9.77 32.12 -21.64
C ASN C 249 -10.68 31.18 -22.43
N ASP C 250 -10.89 31.43 -23.72
CA ASP C 250 -11.48 30.49 -24.66
C ASP C 250 -12.82 29.92 -24.15
N GLY C 251 -12.81 28.70 -23.63
CA GLY C 251 -14.06 28.08 -23.19
C GLY C 251 -15.14 27.92 -24.23
N SER C 252 -14.80 28.00 -25.51
CA SER C 252 -15.75 28.15 -26.60
C SER C 252 -16.13 26.81 -27.25
N ASN C 253 -17.05 26.89 -28.21
CA ASN C 253 -17.41 25.82 -29.15
C ASN C 253 -17.67 24.48 -28.46
N PHE C 254 -18.42 24.54 -27.36
CA PHE C 254 -18.68 23.42 -26.46
C PHE C 254 -18.86 22.05 -27.12
N GLY C 255 -19.75 21.95 -28.11
CA GLY C 255 -20.08 20.65 -28.65
C GLY C 255 -18.93 19.90 -29.31
N GLY C 256 -17.83 20.57 -29.61
CA GLY C 256 -16.65 19.89 -30.12
C GLY C 256 -16.53 19.84 -31.63
N GLY C 257 -17.60 20.15 -32.37
CA GLY C 257 -17.58 20.02 -33.81
C GLY C 257 -17.96 18.66 -34.35
N GLY C 258 -18.29 17.71 -33.47
CA GLY C 258 -18.90 16.47 -33.93
C GLY C 258 -20.35 16.66 -34.35
N SER C 259 -20.85 15.66 -35.08
CA SER C 259 -22.19 15.67 -35.64
C SER C 259 -23.01 14.55 -35.02
N TYR C 260 -24.33 14.69 -35.11
CA TYR C 260 -25.28 13.73 -34.55
C TYR C 260 -25.12 13.56 -33.04
N ASN C 261 -24.52 14.52 -32.36
CA ASN C 261 -24.39 14.48 -30.91
C ASN C 261 -25.71 14.84 -30.24
N ASP C 262 -26.00 14.16 -29.14
CA ASP C 262 -27.20 14.40 -28.33
C ASP C 262 -26.78 14.97 -26.99
N PHE C 263 -27.28 16.16 -26.67
CA PHE C 263 -26.91 16.87 -25.45
C PHE C 263 -28.00 16.56 -24.44
N GLY C 264 -27.76 15.58 -23.57
CA GLY C 264 -28.82 15.08 -22.71
C GLY C 264 -29.36 16.05 -21.70
N ASN C 265 -30.22 15.56 -20.82
CA ASN C 265 -31.18 16.38 -20.09
C ASN C 265 -30.61 16.87 -18.75
N TYR C 266 -31.03 18.06 -18.35
CA TYR C 266 -30.75 18.67 -17.05
C TYR C 266 -29.26 18.90 -16.77
N ASN C 267 -28.38 18.82 -17.75
CA ASN C 267 -26.99 19.11 -17.47
C ASN C 267 -26.79 20.59 -17.16
N ASN C 268 -25.68 20.90 -16.49
CA ASN C 268 -25.08 22.22 -16.54
C ASN C 268 -23.99 22.23 -17.60
N GLN C 269 -24.11 23.13 -18.57
CA GLN C 269 -23.16 23.24 -19.67
C GLN C 269 -22.74 24.69 -19.89
N SER C 270 -22.86 25.53 -18.87
CA SER C 270 -22.56 26.95 -18.98
C SER C 270 -21.07 27.22 -19.03
N SER C 271 -20.71 28.36 -19.62
CA SER C 271 -19.36 28.90 -19.57
C SER C 271 -19.39 30.22 -18.79
N ASN C 272 -18.70 30.24 -17.66
CA ASN C 272 -18.84 31.32 -16.68
C ASN C 272 -17.51 32.03 -16.49
N PHE C 273 -17.53 33.36 -16.60
CA PHE C 273 -16.33 34.17 -16.54
C PHE C 273 -16.51 35.29 -15.51
N GLY C 274 -15.56 35.42 -14.61
CA GLY C 274 -15.63 36.44 -13.58
C GLY C 274 -15.88 35.88 -12.20
N PRO C 275 -15.80 36.73 -11.18
CA PRO C 275 -15.99 36.26 -9.80
C PRO C 275 -17.30 35.53 -9.61
N MET C 276 -17.25 34.44 -8.84
CA MET C 276 -18.40 33.58 -8.62
C MET C 276 -18.54 33.27 -7.15
N LYS C 277 -19.75 33.40 -6.61
CA LYS C 277 -20.02 33.07 -5.22
C LYS C 277 -21.30 32.25 -5.15
N GLY C 278 -21.28 31.21 -4.33
CA GLY C 278 -22.36 30.25 -4.21
C GLY C 278 -22.11 28.93 -4.87
N GLY C 279 -21.00 28.78 -5.59
CA GLY C 279 -20.58 27.49 -6.11
C GLY C 279 -21.28 27.07 -7.38
N ASN C 280 -20.72 26.05 -8.01
CA ASN C 280 -21.19 25.53 -9.29
C ASN C 280 -21.72 24.11 -9.09
N PHE C 281 -22.86 23.82 -9.70
CA PHE C 281 -23.55 22.55 -9.46
C PHE C 281 -23.92 21.90 -10.78
N GLY C 282 -24.24 20.61 -10.68
CA GLY C 282 -24.86 19.87 -11.76
C GLY C 282 -26.37 19.91 -11.67
N GLY C 283 -27.00 18.95 -12.34
CA GLY C 283 -28.43 18.81 -12.22
C GLY C 283 -28.84 18.26 -10.86
N ARG C 284 -30.03 18.62 -10.44
CA ARG C 284 -30.61 18.16 -9.18
C ARG C 284 -31.84 17.31 -9.47
N SER C 285 -31.99 16.23 -8.71
CA SER C 285 -33.18 15.41 -8.79
C SER C 285 -33.73 15.17 -7.40
N SER C 286 -35.05 15.30 -7.26
CA SER C 286 -35.81 14.63 -6.22
C SER C 286 -36.60 13.50 -6.87
N GLY C 287 -36.29 12.27 -6.46
CA GLY C 287 -36.78 11.11 -7.17
C GLY C 287 -38.29 10.97 -7.09
N PRO C 288 -38.85 10.13 -7.96
CA PRO C 288 -40.31 10.00 -8.02
C PRO C 288 -40.91 9.59 -6.69
N TYR C 289 -42.18 9.96 -6.49
CA TYR C 289 -42.85 9.82 -5.22
C TYR C 289 -44.00 8.83 -5.36
N GLY C 290 -44.29 8.11 -4.28
CA GLY C 290 -45.36 7.14 -4.30
C GLY C 290 -45.00 5.84 -4.99
N GLY C 291 -43.75 5.40 -4.89
CA GLY C 291 -43.35 4.10 -5.39
C GLY C 291 -42.95 4.06 -6.84
N GLY C 292 -42.86 5.21 -7.51
CA GLY C 292 -42.29 5.24 -8.84
C GLY C 292 -40.79 5.02 -8.80
N GLY C 293 -40.29 4.21 -9.74
CA GLY C 293 -38.88 3.95 -9.84
C GLY C 293 -38.17 4.91 -10.78
N GLN C 294 -36.84 4.95 -10.64
CA GLN C 294 -35.98 5.73 -11.52
C GLN C 294 -35.07 4.78 -12.28
N TYR C 295 -35.09 4.85 -13.61
CA TYR C 295 -34.49 3.84 -14.46
C TYR C 295 -33.60 4.50 -15.50
N PHE C 296 -32.37 4.02 -15.60
CA PHE C 296 -31.43 4.40 -16.66
C PHE C 296 -31.08 3.17 -17.47
N ALA C 297 -31.11 3.30 -18.79
CA ALA C 297 -30.71 2.22 -19.68
C ALA C 297 -30.17 2.77 -20.99
N GLY D 241 -4.41 38.09 -1.21
CA GLY D 241 -5.17 36.85 -1.29
C GLY D 241 -4.52 35.82 -2.18
N ASP D 242 -5.35 35.04 -2.87
CA ASP D 242 -4.88 34.00 -3.78
C ASP D 242 -4.93 34.50 -5.22
N GLY D 243 -3.90 34.17 -5.99
CA GLY D 243 -3.66 34.78 -7.28
C GLY D 243 -3.75 33.74 -8.38
N TYR D 244 -3.78 34.23 -9.63
CA TYR D 244 -3.77 33.34 -10.77
C TYR D 244 -3.28 34.10 -11.99
N ASN D 245 -2.15 33.69 -12.54
CA ASN D 245 -1.54 34.34 -13.69
C ASN D 245 -1.47 33.39 -14.88
N GLY D 246 -2.55 32.64 -15.11
CA GLY D 246 -2.53 31.59 -16.12
C GLY D 246 -2.61 32.12 -17.54
N PHE D 247 -1.72 31.64 -18.39
CA PHE D 247 -1.71 32.00 -19.80
C PHE D 247 -2.25 30.83 -20.63
N GLY D 248 -3.22 31.11 -21.49
CA GLY D 248 -3.79 30.09 -22.35
C GLY D 248 -4.65 29.04 -21.66
N ASN D 249 -5.83 29.45 -21.19
CA ASN D 249 -6.64 28.63 -20.30
C ASN D 249 -7.55 27.65 -21.03
N ASP D 250 -7.83 27.88 -22.30
CA ASP D 250 -8.49 26.91 -23.19
C ASP D 250 -9.81 26.41 -22.61
N GLY D 251 -9.81 25.20 -22.05
CA GLY D 251 -11.05 24.64 -21.52
C GLY D 251 -12.18 24.46 -22.50
N SER D 252 -11.89 24.47 -23.80
CA SER D 252 -12.89 24.57 -24.85
C SER D 252 -13.33 23.22 -25.41
N ASN D 253 -14.33 23.30 -26.28
CA ASN D 253 -14.78 22.22 -27.18
C ASN D 253 -15.03 20.90 -26.44
N PHE D 254 -15.75 21.02 -25.32
CA PHE D 254 -16.03 19.93 -24.39
C PHE D 254 -16.29 18.56 -25.05
N GLY D 255 -17.18 18.52 -26.04
CA GLY D 255 -17.58 17.23 -26.59
C GLY D 255 -16.48 16.40 -27.21
N GLY D 256 -15.31 16.97 -27.47
CA GLY D 256 -14.17 16.21 -27.92
C GLY D 256 -14.01 16.11 -29.41
N GLY D 257 -15.08 16.33 -30.18
CA GLY D 257 -15.04 16.24 -31.63
C GLY D 257 -15.47 14.90 -32.20
N GLY D 258 -15.75 13.91 -31.37
CA GLY D 258 -16.39 12.71 -31.84
C GLY D 258 -17.86 12.90 -32.15
N SER D 259 -18.39 12.01 -32.98
CA SER D 259 -19.77 12.05 -33.43
C SER D 259 -20.58 10.97 -32.74
N TYR D 260 -21.91 11.09 -32.85
CA TYR D 260 -22.86 10.15 -32.25
C TYR D 260 -22.72 10.04 -30.74
N ASN D 261 -22.06 10.98 -30.08
CA ASN D 261 -21.96 10.95 -28.64
C ASN D 261 -23.28 11.30 -27.99
N ASP D 262 -23.47 10.81 -26.76
CA ASP D 262 -24.70 11.01 -26.01
C ASP D 262 -24.32 11.55 -24.63
N PHE D 263 -24.39 12.86 -24.45
CA PHE D 263 -24.09 13.45 -23.16
C PHE D 263 -25.21 13.11 -22.19
N GLY D 264 -24.86 12.70 -20.98
CA GLY D 264 -25.83 12.12 -20.07
C GLY D 264 -26.69 13.15 -19.37
N ASN D 265 -27.17 12.78 -18.19
CA ASN D 265 -28.16 13.54 -17.47
C ASN D 265 -27.61 14.09 -16.16
N TYR D 266 -28.07 15.27 -15.78
CA TYR D 266 -27.72 15.94 -14.54
C TYR D 266 -26.23 16.18 -14.34
N ASN D 267 -25.40 16.04 -15.38
CA ASN D 267 -23.99 16.28 -15.20
C ASN D 267 -23.72 17.76 -14.96
N ASN D 268 -22.59 18.05 -14.32
CA ASN D 268 -21.95 19.36 -14.41
C ASN D 268 -20.88 19.31 -15.48
N GLN D 269 -21.02 20.16 -16.51
CA GLN D 269 -20.10 20.19 -17.64
C GLN D 269 -19.61 21.61 -17.90
N SER D 270 -19.74 22.50 -16.91
CA SER D 270 -19.40 23.91 -17.08
C SER D 270 -17.89 24.12 -17.16
N SER D 271 -17.53 25.24 -17.78
CA SER D 271 -16.16 25.77 -17.76
C SER D 271 -16.17 27.09 -17.01
N ASN D 272 -15.45 27.16 -15.90
CA ASN D 272 -15.56 28.27 -14.96
C ASN D 272 -14.20 28.96 -14.84
N PHE D 273 -14.18 30.27 -15.12
CA PHE D 273 -12.97 31.07 -15.13
C PHE D 273 -13.11 32.21 -14.14
N GLY D 274 -12.23 32.24 -13.14
CA GLY D 274 -12.22 33.32 -12.19
C GLY D 274 -12.30 32.82 -10.76
N PRO D 275 -12.24 33.75 -9.80
CA PRO D 275 -12.26 33.35 -8.38
C PRO D 275 -13.60 32.74 -8.01
N MET D 276 -13.55 31.51 -7.51
CA MET D 276 -14.74 30.72 -7.21
C MET D 276 -14.86 30.48 -5.72
N LYS D 277 -16.03 30.77 -5.16
CA LYS D 277 -16.33 30.48 -3.76
C LYS D 277 -17.61 29.66 -3.68
N GLY D 278 -17.62 28.69 -2.77
CA GLY D 278 -18.75 27.81 -2.56
C GLY D 278 -18.60 26.42 -3.14
N GLY D 279 -17.47 26.13 -3.79
CA GLY D 279 -17.17 24.80 -4.24
C GLY D 279 -17.85 24.40 -5.54
N ASN D 280 -17.32 23.35 -6.15
CA ASN D 280 -17.80 22.81 -7.42
C ASN D 280 -18.31 21.39 -7.18
N PHE D 281 -19.53 21.11 -7.62
CA PHE D 281 -20.18 19.85 -7.31
C PHE D 281 -20.64 19.16 -8.58
N GLY D 282 -20.83 17.85 -8.48
CA GLY D 282 -21.55 17.09 -9.46
C GLY D 282 -23.05 17.20 -9.28
N GLY D 283 -23.77 16.31 -9.94
CA GLY D 283 -25.21 16.27 -9.77
C GLY D 283 -25.61 15.67 -8.45
N ARG D 284 -26.84 15.96 -8.05
CA ARG D 284 -27.39 15.50 -6.79
C ARG D 284 -28.68 14.73 -7.05
N SER D 285 -28.88 13.64 -6.30
CA SER D 285 -30.15 12.93 -6.32
C SER D 285 -30.61 12.66 -4.90
N SER D 286 -31.87 12.97 -4.62
CA SER D 286 -32.60 12.41 -3.48
C SER D 286 -33.45 11.26 -3.99
N GLY D 287 -32.99 10.03 -3.74
CA GLY D 287 -33.50 8.88 -4.43
C GLY D 287 -34.96 8.60 -4.17
N PRO D 288 -35.56 7.74 -5.00
CA PRO D 288 -37.02 7.63 -5.03
C PRO D 288 -37.61 7.27 -3.68
N TYR D 289 -38.82 7.77 -3.44
CA TYR D 289 -39.48 7.67 -2.14
C TYR D 289 -40.62 6.67 -2.21
N GLY D 290 -40.90 6.03 -1.08
CA GLY D 290 -42.03 5.12 -1.00
C GLY D 290 -41.79 3.78 -1.66
N GLY D 291 -40.57 3.27 -1.59
CA GLY D 291 -40.27 1.92 -2.07
C GLY D 291 -39.92 1.83 -3.53
N GLY D 292 -39.84 2.96 -4.23
CA GLY D 292 -39.30 2.94 -5.58
C GLY D 292 -37.79 2.73 -5.58
N GLY D 293 -37.32 1.87 -6.47
CA GLY D 293 -35.91 1.60 -6.59
C GLY D 293 -35.22 2.51 -7.59
N GLN D 294 -33.89 2.54 -7.51
CA GLN D 294 -33.07 3.29 -8.43
C GLN D 294 -32.19 2.32 -9.20
N TYR D 295 -32.30 2.34 -10.53
CA TYR D 295 -31.75 1.28 -11.38
C TYR D 295 -30.87 1.88 -12.47
N PHE D 296 -29.64 1.38 -12.56
CA PHE D 296 -28.73 1.68 -13.66
C PHE D 296 -28.47 0.39 -14.43
N ALA D 297 -28.87 0.36 -15.69
CA ALA D 297 -28.65 -0.80 -16.54
C ALA D 297 -27.30 -0.70 -17.25
N GLY E 241 -1.26 34.11 1.27
CA GLY E 241 -1.81 33.91 -0.07
C GLY E 241 -0.98 32.97 -0.92
N ASP E 242 -1.65 32.16 -1.72
CA ASP E 242 -0.99 31.19 -2.58
C ASP E 242 -1.05 31.63 -4.04
N GLY E 243 0.04 31.43 -4.75
CA GLY E 243 0.17 31.88 -6.12
C GLY E 243 -0.04 30.75 -7.12
N TYR E 244 -0.13 31.12 -8.39
CA TYR E 244 -0.20 30.15 -9.47
C TYR E 244 0.21 30.83 -10.76
N ASN E 245 1.22 30.28 -11.44
CA ASN E 245 1.79 30.88 -12.64
C ASN E 245 1.82 29.85 -13.77
N GLY E 246 0.68 29.22 -14.02
CA GLY E 246 0.61 28.15 -15.00
C GLY E 246 0.61 28.68 -16.43
N PHE E 247 1.49 28.10 -17.26
CA PHE E 247 1.56 28.43 -18.68
C PHE E 247 1.00 27.25 -19.48
N GLY E 248 -0.02 27.52 -20.28
CA GLY E 248 -0.67 26.47 -21.06
C GLY E 248 -1.51 25.48 -20.27
N ASN E 249 -2.69 25.92 -19.81
CA ASN E 249 -3.48 25.13 -18.87
C ASN E 249 -4.41 24.12 -19.55
N ASP E 250 -4.72 24.33 -20.83
CA ASP E 250 -5.44 23.35 -21.65
C ASP E 250 -6.75 22.90 -21.01
N GLY E 251 -6.76 21.72 -20.40
CA GLY E 251 -7.98 21.22 -19.78
C GLY E 251 -9.16 21.01 -20.72
N SER E 252 -8.92 20.89 -22.02
CA SER E 252 -9.96 21.00 -23.03
C SER E 252 -10.45 19.66 -23.55
N ASN E 253 -11.49 19.73 -24.38
CA ASN E 253 -12.02 18.64 -25.21
C ASN E 253 -12.25 17.35 -24.42
N PHE E 254 -12.91 17.51 -23.28
CA PHE E 254 -13.22 16.43 -22.33
C PHE E 254 -13.52 15.07 -22.94
N GLY E 255 -14.40 15.01 -23.94
CA GLY E 255 -14.85 13.72 -24.45
C GLY E 255 -13.77 12.83 -25.03
N GLY E 256 -12.61 13.38 -25.35
CA GLY E 256 -11.49 12.59 -25.83
C GLY E 256 -11.40 12.44 -27.34
N GLY E 257 -12.47 12.75 -28.07
CA GLY E 257 -12.48 12.59 -29.51
C GLY E 257 -12.96 11.24 -30.02
N GLY E 258 -13.31 10.31 -29.13
CA GLY E 258 -13.97 9.09 -29.55
C GLY E 258 -15.44 9.30 -29.86
N SER E 259 -15.96 8.42 -30.72
CA SER E 259 -17.35 8.45 -31.12
C SER E 259 -18.15 7.41 -30.33
N TYR E 260 -19.48 7.56 -30.39
CA TYR E 260 -20.43 6.67 -29.72
C TYR E 260 -20.20 6.56 -28.21
N ASN E 261 -19.49 7.52 -27.61
CA ASN E 261 -19.35 7.52 -26.17
C ASN E 261 -20.66 7.96 -25.50
N ASP E 262 -20.84 7.53 -24.26
CA ASP E 262 -22.05 7.80 -23.49
C ASP E 262 -21.62 8.34 -22.13
N PHE E 263 -21.80 9.65 -21.92
CA PHE E 263 -21.39 10.24 -20.66
C PHE E 263 -22.44 9.96 -19.60
N GLY E 264 -22.01 9.96 -18.34
CA GLY E 264 -22.81 9.42 -17.27
C GLY E 264 -23.86 10.35 -16.72
N ASN E 265 -24.37 9.97 -15.56
CA ASN E 265 -25.36 10.73 -14.81
C ASN E 265 -24.75 11.29 -13.52
N TYR E 266 -25.07 12.54 -13.22
CA TYR E 266 -24.65 13.26 -12.02
C TYR E 266 -23.15 13.44 -11.88
N ASN E 267 -22.36 13.23 -12.93
CA ASN E 267 -20.93 13.42 -12.80
C ASN E 267 -20.60 14.90 -12.67
N ASN E 268 -19.47 15.19 -12.03
CA ASN E 268 -18.81 16.47 -12.18
C ASN E 268 -17.76 16.36 -13.28
N GLN E 269 -17.98 17.07 -14.38
CA GLN E 269 -17.11 17.03 -15.54
C GLN E 269 -16.55 18.41 -15.87
N SER E 270 -16.66 19.35 -14.95
CA SER E 270 -16.31 20.75 -15.20
C SER E 270 -14.80 20.92 -15.36
N SER E 271 -14.42 22.01 -16.01
CA SER E 271 -13.05 22.49 -16.03
C SER E 271 -13.03 23.87 -15.39
N ASN E 272 -12.27 24.00 -14.30
CA ASN E 272 -12.32 25.18 -13.43
C ASN E 272 -10.94 25.81 -13.37
N PHE E 273 -10.89 27.13 -13.53
CA PHE E 273 -9.62 27.87 -13.60
C PHE E 273 -9.71 29.08 -12.69
N GLY E 274 -8.70 29.26 -11.84
CA GLY E 274 -8.69 30.34 -10.88
C GLY E 274 -8.98 29.86 -9.48
N PRO E 275 -8.72 30.71 -8.49
CA PRO E 275 -8.66 30.24 -7.10
C PRO E 275 -10.03 29.78 -6.60
N MET E 276 -10.06 28.59 -6.02
CA MET E 276 -11.29 27.90 -5.65
C MET E 276 -11.36 27.73 -4.15
N LYS E 277 -12.51 28.04 -3.57
CA LYS E 277 -12.74 27.83 -2.15
C LYS E 277 -14.02 27.03 -1.96
N GLY E 278 -13.98 26.10 -1.01
CA GLY E 278 -15.08 25.20 -0.73
C GLY E 278 -14.97 23.82 -1.32
N GLY E 279 -13.89 23.52 -2.04
CA GLY E 279 -13.59 22.17 -2.47
C GLY E 279 -14.30 21.75 -3.74
N ASN E 280 -13.81 20.63 -4.30
CA ASN E 280 -14.35 20.02 -5.51
C ASN E 280 -14.91 18.66 -5.17
N PHE E 281 -16.11 18.35 -5.65
CA PHE E 281 -16.81 17.14 -5.25
C PHE E 281 -17.31 16.40 -6.49
N GLY E 282 -17.56 15.11 -6.31
CA GLY E 282 -18.34 14.33 -7.25
C GLY E 282 -19.83 14.52 -7.04
N GLY E 283 -20.59 13.57 -7.58
CA GLY E 283 -22.01 13.56 -7.34
C GLY E 283 -22.37 13.05 -5.95
N ARG E 284 -23.56 13.40 -5.51
CA ARG E 284 -24.05 13.02 -4.19
C ARG E 284 -25.38 12.30 -4.34
N SER E 285 -25.59 11.26 -3.54
CA SER E 285 -26.84 10.53 -3.52
C SER E 285 -27.31 10.35 -2.10
N SER E 286 -28.59 10.62 -1.87
CA SER E 286 -29.35 10.01 -0.79
C SER E 286 -30.16 8.85 -1.35
N GLY E 287 -29.89 7.64 -0.89
CA GLY E 287 -30.47 6.47 -1.48
C GLY E 287 -31.97 6.37 -1.27
N PRO E 288 -32.61 5.48 -2.04
CA PRO E 288 -34.08 5.39 -2.00
C PRO E 288 -34.61 5.15 -0.59
N TYR E 289 -35.84 5.59 -0.37
CA TYR E 289 -36.44 5.59 0.96
C TYR E 289 -37.62 4.64 0.99
N GLY E 290 -37.89 4.07 2.15
CA GLY E 290 -39.01 3.15 2.29
C GLY E 290 -38.76 1.80 1.68
N GLY E 291 -37.52 1.31 1.69
CA GLY E 291 -37.22 -0.04 1.28
C GLY E 291 -36.90 -0.20 -0.20
N GLY E 292 -36.83 0.89 -0.95
CA GLY E 292 -36.33 0.81 -2.31
C GLY E 292 -34.84 0.51 -2.34
N GLY E 293 -34.46 -0.39 -3.25
CA GLY E 293 -33.07 -0.75 -3.40
C GLY E 293 -32.34 0.12 -4.40
N GLN E 294 -31.01 0.07 -4.35
CA GLN E 294 -30.14 0.77 -5.29
C GLN E 294 -29.32 -0.26 -6.04
N TYR E 295 -29.42 -0.25 -7.37
CA TYR E 295 -28.90 -1.32 -8.21
C TYR E 295 -28.05 -0.75 -9.33
N PHE E 296 -26.82 -1.25 -9.45
CA PHE E 296 -25.95 -0.97 -10.58
C PHE E 296 -25.68 -2.27 -11.32
N ALA E 297 -25.85 -2.24 -12.65
CA ALA E 297 -25.67 -3.44 -13.45
C ALA E 297 -24.97 -3.12 -14.76
N GLY F 241 3.08 32.40 0.75
CA GLY F 241 2.52 31.07 0.97
C GLY F 241 3.12 30.02 0.06
N ASP F 242 2.27 29.11 -0.40
CA ASP F 242 2.66 28.15 -1.42
C ASP F 242 2.63 28.77 -2.80
N GLY F 243 3.22 28.06 -3.76
CA GLY F 243 3.34 28.56 -5.13
C GLY F 243 3.32 27.41 -6.10
N TYR F 244 3.19 27.76 -7.39
CA TYR F 244 3.12 26.73 -8.43
C TYR F 244 3.57 27.35 -9.74
N ASN F 245 4.71 26.90 -10.26
CA ASN F 245 5.26 27.46 -11.48
C ASN F 245 5.22 26.43 -12.61
N GLY F 246 4.06 25.82 -12.80
CA GLY F 246 3.93 24.73 -13.76
C GLY F 246 3.87 25.20 -15.19
N PHE F 247 4.66 24.56 -16.06
CA PHE F 247 4.64 24.81 -17.49
C PHE F 247 4.02 23.62 -18.21
N GLY F 248 3.00 23.88 -19.02
CA GLY F 248 2.33 22.82 -19.75
C GLY F 248 1.50 21.86 -18.90
N ASN F 249 0.35 22.31 -18.42
CA ASN F 249 -0.43 21.58 -17.43
C ASN F 249 -1.44 20.60 -18.05
N ASP F 250 -1.70 20.71 -19.36
CA ASP F 250 -2.48 19.74 -20.12
C ASP F 250 -3.79 19.34 -19.44
N GLY F 251 -3.84 18.15 -18.82
CA GLY F 251 -5.07 17.69 -18.21
C GLY F 251 -6.26 17.52 -19.13
N SER F 252 -6.04 17.45 -20.44
CA SER F 252 -7.10 17.52 -21.44
C SER F 252 -7.61 16.15 -21.89
N ASN F 253 -8.63 16.20 -22.74
CA ASN F 253 -9.18 15.05 -23.50
C ASN F 253 -9.43 13.81 -22.64
N PHE F 254 -10.05 14.06 -21.48
CA PHE F 254 -10.29 13.07 -20.44
C PHE F 254 -10.61 11.65 -20.90
N GLY F 255 -11.58 11.50 -21.81
CA GLY F 255 -12.02 10.17 -22.20
C GLY F 255 -10.97 9.31 -22.89
N GLY F 256 -9.84 9.88 -23.29
CA GLY F 256 -8.76 9.10 -23.87
C GLY F 256 -8.85 8.87 -25.36
N GLY F 257 -9.99 9.12 -25.97
CA GLY F 257 -10.15 8.91 -27.41
C GLY F 257 -10.62 7.53 -27.82
N GLY F 258 -10.91 6.65 -26.86
CA GLY F 258 -11.61 5.43 -27.18
C GLY F 258 -13.08 5.66 -27.48
N SER F 259 -13.65 4.72 -28.23
CA SER F 259 -15.05 4.75 -28.61
C SER F 259 -15.85 3.78 -27.73
N TYR F 260 -17.16 3.98 -27.71
CA TYR F 260 -18.08 3.14 -26.93
C TYR F 260 -17.75 3.11 -25.44
N ASN F 261 -16.99 4.09 -24.95
CA ASN F 261 -16.75 4.17 -23.52
C ASN F 261 -18.00 4.63 -22.79
N ASP F 262 -18.23 4.01 -21.62
CA ASP F 262 -19.38 4.31 -20.78
C ASP F 262 -18.88 4.98 -19.50
N PHE F 263 -19.34 6.19 -19.26
CA PHE F 263 -18.90 6.98 -18.12
C PHE F 263 -19.94 6.79 -17.02
N GLY F 264 -19.52 6.38 -15.85
CA GLY F 264 -20.46 6.05 -14.80
C GLY F 264 -21.00 7.27 -14.10
N ASN F 265 -21.46 7.04 -12.87
CA ASN F 265 -22.36 7.95 -12.20
C ASN F 265 -21.70 8.54 -10.96
N TYR F 266 -22.04 9.80 -10.66
CA TYR F 266 -21.58 10.50 -9.46
C TYR F 266 -20.07 10.67 -9.38
N ASN F 267 -19.33 10.45 -10.46
CA ASN F 267 -17.89 10.62 -10.41
C ASN F 267 -17.51 12.09 -10.27
N ASN F 268 -16.27 12.34 -9.82
CA ASN F 268 -15.62 13.64 -9.96
C ASN F 268 -14.59 13.55 -11.07
N GLN F 269 -14.98 13.96 -12.27
CA GLN F 269 -14.10 13.95 -13.43
C GLN F 269 -13.63 15.35 -13.82
N SER F 270 -13.67 16.29 -12.88
CA SER F 270 -13.28 17.67 -13.16
C SER F 270 -11.78 17.81 -13.37
N SER F 271 -11.40 18.87 -14.09
CA SER F 271 -10.01 19.31 -14.20
C SER F 271 -9.88 20.69 -13.58
N ASN F 272 -9.05 20.80 -12.55
CA ASN F 272 -9.03 21.97 -11.67
C ASN F 272 -7.65 22.61 -11.69
N PHE F 273 -7.60 23.93 -11.88
CA PHE F 273 -6.36 24.68 -12.01
C PHE F 273 -6.40 25.90 -11.10
N GLY F 274 -5.33 26.09 -10.33
CA GLY F 274 -5.25 27.21 -9.42
C GLY F 274 -5.41 26.82 -7.97
N PRO F 275 -5.18 27.77 -7.07
CA PRO F 275 -5.27 27.48 -5.63
C PRO F 275 -6.60 26.85 -5.24
N MET F 276 -6.54 25.80 -4.43
CA MET F 276 -7.73 25.05 -4.02
C MET F 276 -7.74 24.91 -2.51
N LYS F 277 -8.88 25.22 -1.90
CA LYS F 277 -9.05 25.08 -0.46
C LYS F 277 -10.36 24.36 -0.18
N GLY F 278 -10.31 23.38 0.72
CA GLY F 278 -11.43 22.52 1.04
C GLY F 278 -11.32 21.11 0.53
N GLY F 279 -10.33 20.80 -0.31
CA GLY F 279 -10.04 19.44 -0.71
C GLY F 279 -10.84 18.96 -1.91
N ASN F 280 -10.39 17.84 -2.44
CA ASN F 280 -10.96 17.21 -3.63
C ASN F 280 -11.57 15.87 -3.25
N PHE F 281 -12.84 15.66 -3.61
CA PHE F 281 -13.57 14.49 -3.17
C PHE F 281 -14.13 13.72 -4.37
N GLY F 282 -14.37 12.44 -4.15
CA GLY F 282 -15.17 11.64 -5.05
C GLY F 282 -16.65 11.83 -4.83
N GLY F 283 -17.42 10.86 -5.30
CA GLY F 283 -18.84 10.86 -5.04
C GLY F 283 -19.17 10.46 -3.61
N ARG F 284 -20.40 10.76 -3.21
CA ARG F 284 -20.86 10.49 -1.86
C ARG F 284 -22.18 9.73 -1.92
N SER F 285 -22.35 8.78 -1.01
CA SER F 285 -23.60 8.04 -0.89
C SER F 285 -24.04 8.02 0.55
N SER F 286 -25.33 8.24 0.77
CA SER F 286 -26.05 7.71 1.94
C SER F 286 -26.94 6.58 1.49
N GLY F 287 -26.67 5.37 1.99
CA GLY F 287 -27.29 4.18 1.48
C GLY F 287 -28.79 4.15 1.70
N PRO F 288 -29.48 3.26 0.98
CA PRO F 288 -30.94 3.23 1.03
C PRO F 288 -31.45 3.00 2.44
N TYR F 289 -32.65 3.53 2.69
CA TYR F 289 -33.22 3.59 4.03
C TYR F 289 -34.43 2.67 4.11
N GLY F 290 -34.67 2.13 5.30
CA GLY F 290 -35.79 1.22 5.49
C GLY F 290 -35.56 -0.16 4.95
N GLY F 291 -34.32 -0.64 4.96
CA GLY F 291 -34.03 -2.02 4.63
C GLY F 291 -33.84 -2.33 3.16
N GLY F 292 -33.81 -1.31 2.31
CA GLY F 292 -33.37 -1.51 0.95
C GLY F 292 -31.88 -1.78 0.87
N GLY F 293 -31.50 -2.69 -0.03
CA GLY F 293 -30.11 -3.03 -0.20
C GLY F 293 -29.43 -2.21 -1.28
N GLN F 294 -28.10 -2.21 -1.24
CA GLN F 294 -27.27 -1.60 -2.28
C GLN F 294 -26.46 -2.69 -2.97
N TYR F 295 -26.55 -2.74 -4.30
CA TYR F 295 -26.04 -3.86 -5.08
C TYR F 295 -25.20 -3.35 -6.25
N PHE F 296 -24.06 -3.99 -6.46
CA PHE F 296 -23.24 -3.82 -7.65
C PHE F 296 -23.05 -5.17 -8.34
N ALA F 297 -23.01 -5.15 -9.66
CA ALA F 297 -22.88 -6.37 -10.43
C ALA F 297 -22.07 -6.12 -11.70
N GLY G 241 6.67 28.52 3.15
CA GLY G 241 6.01 28.23 1.89
C GLY G 241 6.66 27.09 1.13
N ASP G 242 5.85 26.33 0.41
CA ASP G 242 6.31 25.18 -0.36
C ASP G 242 6.16 25.46 -1.85
N GLY G 243 7.19 25.13 -2.61
CA GLY G 243 7.28 25.51 -4.01
C GLY G 243 6.97 24.34 -4.93
N TYR G 244 6.83 24.66 -6.22
CA TYR G 244 6.68 23.62 -7.23
C TYR G 244 7.07 24.20 -8.58
N ASN G 245 8.05 23.58 -9.23
CA ASN G 245 8.58 24.05 -10.51
C ASN G 245 8.49 22.95 -11.56
N GLY G 246 7.37 22.24 -11.60
CA GLY G 246 7.22 21.13 -12.51
C GLY G 246 7.08 21.57 -13.96
N PHE G 247 7.85 20.95 -14.84
CA PHE G 247 7.75 21.17 -16.28
C PHE G 247 7.08 19.96 -16.92
N GLY G 248 6.06 20.21 -17.75
CA GLY G 248 5.36 19.13 -18.41
C GLY G 248 4.51 18.25 -17.52
N ASN G 249 3.41 18.78 -17.00
CA ASN G 249 2.63 18.13 -15.97
C ASN G 249 1.58 17.18 -16.50
N ASP G 250 1.33 17.16 -17.81
CA ASP G 250 0.53 16.16 -18.51
C ASP G 250 -0.77 15.81 -17.79
N GLY G 251 -0.83 14.67 -17.12
CA GLY G 251 -2.06 14.28 -16.45
C GLY G 251 -3.28 14.11 -17.33
N SER G 252 -3.08 13.97 -18.64
CA SER G 252 -4.16 14.03 -19.63
C SER G 252 -4.74 12.66 -19.97
N ASN G 253 -5.81 12.71 -20.77
CA ASN G 253 -6.42 11.58 -21.48
C ASN G 253 -6.69 10.37 -20.57
N PHE G 254 -7.29 10.68 -19.40
CA PHE G 254 -7.54 9.73 -18.32
C PHE G 254 -7.96 8.33 -18.77
N GLY G 255 -8.95 8.22 -19.65
CA GLY G 255 -9.49 6.92 -20.00
C GLY G 255 -8.52 5.93 -20.60
N GLY G 256 -7.39 6.40 -21.11
CA GLY G 256 -6.34 5.53 -21.59
C GLY G 256 -6.41 5.17 -23.06
N GLY G 257 -7.53 5.43 -23.73
CA GLY G 257 -7.67 5.18 -25.15
C GLY G 257 -8.24 3.82 -25.52
N GLY G 258 -8.43 2.93 -24.55
CA GLY G 258 -9.19 1.71 -24.82
C GLY G 258 -10.66 1.97 -25.03
N SER G 259 -11.29 1.07 -25.77
CA SER G 259 -12.71 1.14 -26.08
C SER G 259 -13.51 0.24 -25.16
N TYR G 260 -14.83 0.46 -25.15
CA TYR G 260 -15.78 -0.34 -24.36
C TYR G 260 -15.50 -0.32 -22.86
N ASN G 261 -14.70 0.62 -22.37
CA ASN G 261 -14.46 0.71 -20.94
C ASN G 261 -15.71 1.21 -20.21
N ASP G 262 -15.86 0.77 -18.97
CA ASP G 262 -16.88 1.27 -18.07
C ASP G 262 -16.20 1.95 -16.88
N PHE G 263 -16.45 3.24 -16.72
CA PHE G 263 -15.95 3.98 -15.56
C PHE G 263 -16.99 3.85 -14.46
N GLY G 264 -16.58 3.37 -13.29
CA GLY G 264 -17.58 3.08 -12.27
C GLY G 264 -18.16 4.30 -11.58
N ASN G 265 -18.59 4.09 -10.33
CA ASN G 265 -19.48 5.02 -9.66
C ASN G 265 -18.80 5.65 -8.45
N TYR G 266 -19.13 6.91 -8.19
CA TYR G 266 -18.62 7.68 -7.06
C TYR G 266 -17.10 7.83 -7.03
N ASN G 267 -16.40 7.49 -8.10
CA ASN G 267 -14.95 7.63 -8.08
C ASN G 267 -14.55 9.09 -8.08
N ASN G 268 -13.37 9.37 -7.51
CA ASN G 268 -12.65 10.60 -7.79
C ASN G 268 -11.69 10.38 -8.95
N GLN G 269 -11.93 11.07 -10.07
CA GLN G 269 -11.13 10.93 -11.27
C GLN G 269 -10.54 12.25 -11.73
N SER G 270 -10.50 13.24 -10.85
CA SER G 270 -10.11 14.60 -11.21
C SER G 270 -8.61 14.72 -11.44
N SER G 271 -8.24 15.77 -12.19
CA SER G 271 -6.86 16.19 -12.36
C SER G 271 -6.71 17.58 -11.76
N ASN G 272 -5.84 17.71 -10.76
CA ASN G 272 -5.77 18.92 -9.94
C ASN G 272 -4.37 19.51 -10.03
N PHE G 273 -4.30 20.79 -10.41
CA PHE G 273 -3.05 21.50 -10.63
C PHE G 273 -3.04 22.76 -9.76
N GLY G 274 -2.03 22.89 -8.91
CA GLY G 274 -1.89 24.07 -8.09
C GLY G 274 -1.92 23.73 -6.61
N PRO G 275 -1.68 24.72 -5.76
CA PRO G 275 -1.59 24.46 -4.32
C PRO G 275 -2.94 24.06 -3.74
N MET G 276 -2.95 22.97 -2.97
CA MET G 276 -4.18 22.34 -2.50
C MET G 276 -4.15 22.26 -0.98
N LYS G 277 -5.26 22.61 -0.35
CA LYS G 277 -5.44 22.44 1.09
C LYS G 277 -6.75 21.72 1.36
N GLY G 278 -6.71 20.78 2.30
CA GLY G 278 -7.86 19.99 2.69
C GLY G 278 -7.79 18.53 2.30
N GLY G 279 -6.82 18.13 1.49
CA GLY G 279 -6.60 16.74 1.16
C GLY G 279 -7.44 16.25 -0.01
N ASN G 280 -7.04 15.09 -0.53
CA ASN G 280 -7.67 14.46 -1.69
C ASN G 280 -8.23 13.12 -1.26
N PHE G 281 -9.51 12.89 -1.54
CA PHE G 281 -10.21 11.73 -1.01
C PHE G 281 -10.84 10.93 -2.14
N GLY G 282 -11.05 9.65 -1.88
CA GLY G 282 -11.91 8.82 -2.70
C GLY G 282 -13.37 9.11 -2.44
N GLY G 283 -14.21 8.18 -2.92
CA GLY G 283 -15.62 8.27 -2.63
C GLY G 283 -15.94 7.87 -1.21
N ARG G 284 -17.13 8.27 -0.76
CA ARG G 284 -17.58 8.01 0.59
C ARG G 284 -18.93 7.32 0.55
N SER G 285 -19.14 6.36 1.46
CA SER G 285 -20.44 5.73 1.64
C SER G 285 -20.78 5.68 3.12
N SER G 286 -22.00 6.11 3.46
CA SER G 286 -22.70 5.64 4.65
C SER G 286 -23.58 4.47 4.24
N GLY G 287 -23.18 3.27 4.60
CA GLY G 287 -23.84 2.07 4.14
C GLY G 287 -25.28 1.98 4.59
N PRO G 288 -26.03 1.08 3.94
CA PRO G 288 -27.50 1.09 4.07
C PRO G 288 -27.97 0.97 5.51
N TYR G 289 -29.17 1.48 5.76
CA TYR G 289 -29.71 1.62 7.10
C TYR G 289 -30.93 0.72 7.26
N GLY G 290 -31.14 0.25 8.49
CA GLY G 290 -32.28 -0.61 8.77
C GLY G 290 -32.13 -2.02 8.24
N GLY G 291 -30.91 -2.56 8.28
CA GLY G 291 -30.69 -3.95 7.95
C GLY G 291 -30.49 -4.25 6.48
N GLY G 292 -30.46 -3.23 5.63
CA GLY G 292 -30.08 -3.44 4.25
C GLY G 292 -28.61 -3.80 4.11
N GLY G 293 -28.35 -4.80 3.27
CA GLY G 293 -26.98 -5.21 3.02
C GLY G 293 -26.32 -4.42 1.91
N GLN G 294 -25.00 -4.53 1.85
CA GLN G 294 -24.21 -3.93 0.78
C GLN G 294 -23.46 -5.04 0.05
N TYR G 295 -23.66 -5.12 -1.26
CA TYR G 295 -23.25 -6.28 -2.05
C TYR G 295 -22.42 -5.85 -3.24
N PHE G 296 -21.27 -6.49 -3.41
CA PHE G 296 -20.44 -6.38 -4.60
C PHE G 296 -20.31 -7.74 -5.26
N ALA G 297 -20.25 -7.75 -6.59
CA ALA G 297 -20.15 -8.99 -7.34
C ALA G 297 -19.40 -8.78 -8.64
N GLY H 241 10.91 26.31 3.06
CA GLY H 241 10.16 25.08 3.20
C GLY H 241 10.58 24.00 2.23
N ASP H 242 9.63 23.13 1.87
CA ASP H 242 9.88 22.08 0.91
C ASP H 242 9.76 22.61 -0.52
N GLY H 243 10.33 21.86 -1.45
CA GLY H 243 10.36 22.28 -2.84
C GLY H 243 10.34 21.07 -3.76
N TYR H 244 10.16 21.33 -5.05
CA TYR H 244 9.98 20.25 -6.00
C TYR H 244 10.38 20.75 -7.39
N ASN H 245 11.40 20.12 -7.97
CA ASN H 245 11.88 20.53 -9.29
C ASN H 245 11.75 19.40 -10.28
N GLY H 246 10.54 18.86 -10.41
CA GLY H 246 10.31 17.71 -11.27
C GLY H 246 10.22 18.08 -12.74
N PHE H 247 10.98 17.38 -13.57
CA PHE H 247 10.96 17.58 -15.02
C PHE H 247 10.26 16.40 -15.66
N GLY H 248 9.15 16.66 -16.34
CA GLY H 248 8.35 15.61 -16.94
C GLY H 248 7.61 14.73 -15.95
N ASN H 249 6.40 15.13 -15.56
CA ASN H 249 5.69 14.51 -14.45
C ASN H 249 4.58 13.56 -14.90
N ASP H 250 4.37 13.43 -16.21
CA ASP H 250 3.47 12.44 -16.83
C ASP H 250 2.18 12.22 -16.05
N GLY H 251 2.11 11.12 -15.29
CA GLY H 251 0.89 10.84 -14.53
C GLY H 251 -0.37 10.66 -15.34
N SER H 252 -0.25 10.41 -16.64
CA SER H 252 -1.38 10.50 -17.57
C SER H 252 -2.00 9.14 -17.89
N ASN H 253 -3.09 9.21 -18.66
CA ASN H 253 -3.74 8.08 -19.34
C ASN H 253 -3.99 6.89 -18.41
N PHE H 254 -4.52 7.20 -17.23
CA PHE H 254 -4.83 6.26 -16.15
C PHE H 254 -5.26 4.85 -16.53
N GLY H 255 -6.25 4.73 -17.42
CA GLY H 255 -6.81 3.42 -17.71
C GLY H 255 -5.85 2.41 -18.29
N GLY H 256 -4.70 2.86 -18.80
CA GLY H 256 -3.66 1.95 -19.25
C GLY H 256 -3.72 1.59 -20.71
N GLY H 257 -4.82 1.86 -21.40
CA GLY H 257 -4.98 1.49 -22.79
C GLY H 257 -5.65 0.15 -23.03
N GLY H 258 -5.99 -0.59 -21.98
CA GLY H 258 -6.79 -1.79 -22.14
C GLY H 258 -8.25 -1.47 -22.45
N SER H 259 -8.87 -2.36 -23.22
CA SER H 259 -10.30 -2.30 -23.50
C SER H 259 -11.07 -3.19 -22.54
N TYR H 260 -12.38 -2.97 -22.48
CA TYR H 260 -13.30 -3.72 -21.64
C TYR H 260 -12.93 -3.67 -20.15
N ASN H 261 -12.10 -2.73 -19.75
CA ASN H 261 -11.81 -2.57 -18.32
C ASN H 261 -13.01 -1.99 -17.59
N ASP H 262 -13.10 -2.28 -16.30
CA ASP H 262 -14.21 -1.85 -15.46
C ASP H 262 -13.63 -1.16 -14.22
N PHE H 263 -13.63 0.17 -14.23
CA PHE H 263 -13.13 0.91 -13.08
C PHE H 263 -14.18 0.85 -11.99
N GLY H 264 -13.76 0.67 -10.75
CA GLY H 264 -14.66 0.29 -9.69
C GLY H 264 -15.38 1.44 -9.04
N ASN H 265 -15.64 1.29 -7.74
CA ASN H 265 -16.52 2.19 -7.01
C ASN H 265 -15.81 2.84 -5.84
N TYR H 266 -16.12 4.11 -5.60
CA TYR H 266 -15.57 4.90 -4.50
C TYR H 266 -14.04 5.02 -4.51
N ASN H 267 -13.38 4.61 -5.59
CA ASN H 267 -11.93 4.72 -5.60
C ASN H 267 -11.50 6.18 -5.68
N ASN H 268 -10.28 6.44 -5.23
CA ASN H 268 -9.56 7.65 -5.58
C ASN H 268 -8.63 7.36 -6.75
N GLN H 269 -8.82 8.07 -7.85
CA GLN H 269 -8.06 7.84 -9.07
C GLN H 269 -7.45 9.12 -9.60
N SER H 270 -7.40 10.18 -8.79
CA SER H 270 -7.01 11.50 -9.22
C SER H 270 -5.51 11.58 -9.50
N SER H 271 -5.14 12.54 -10.33
CA SER H 271 -3.75 12.92 -10.53
C SER H 271 -3.58 14.35 -10.02
N ASN H 272 -2.73 14.53 -9.01
CA ASN H 272 -2.63 15.77 -8.27
C ASN H 272 -1.22 16.32 -8.39
N PHE H 273 -1.10 17.56 -8.86
CA PHE H 273 0.19 18.21 -9.08
C PHE H 273 0.25 19.51 -8.30
N GLY H 274 1.27 19.65 -7.47
CA GLY H 274 1.45 20.84 -6.68
C GLY H 274 1.30 20.60 -5.20
N PRO H 275 1.67 21.60 -4.39
CA PRO H 275 1.70 21.42 -2.93
C PRO H 275 0.36 20.96 -2.38
N MET H 276 0.40 19.96 -1.50
CA MET H 276 -0.80 19.33 -0.95
C MET H 276 -0.72 19.32 0.57
N LYS H 277 -1.81 19.72 1.22
CA LYS H 277 -1.91 19.68 2.67
C LYS H 277 -3.19 18.97 3.07
N GLY H 278 -3.09 18.06 4.04
CA GLY H 278 -4.22 17.28 4.52
C GLY H 278 -4.21 15.82 4.10
N GLY H 279 -3.26 15.40 3.28
CA GLY H 279 -3.08 13.99 2.98
C GLY H 279 -3.97 13.49 1.86
N ASN H 280 -3.58 12.32 1.35
CA ASN H 280 -4.27 11.65 0.25
C ASN H 280 -4.88 10.35 0.77
N PHE H 281 -6.16 10.12 0.47
CA PHE H 281 -6.90 9.01 1.06
C PHE H 281 -7.55 8.19 -0.03
N GLY H 282 -7.83 6.93 0.30
CA GLY H 282 -8.74 6.10 -0.46
C GLY H 282 -10.19 6.45 -0.17
N GLY H 283 -11.07 5.51 -0.49
CA GLY H 283 -12.45 5.65 -0.11
C GLY H 283 -12.68 5.36 1.36
N ARG H 284 -13.86 5.77 1.84
CA ARG H 284 -14.26 5.53 3.21
C ARG H 284 -15.62 4.86 3.22
N SER H 285 -15.81 3.91 4.13
CA SER H 285 -17.11 3.29 4.35
C SER H 285 -17.46 3.35 5.82
N SER H 286 -18.68 3.78 6.12
CA SER H 286 -19.38 3.40 7.35
C SER H 286 -20.31 2.23 7.02
N GLY H 287 -20.04 1.07 7.62
CA GLY H 287 -20.68 -0.15 7.23
C GLY H 287 -22.17 -0.17 7.53
N PRO H 288 -22.89 -1.09 6.88
CA PRO H 288 -24.36 -1.08 6.98
C PRO H 288 -24.83 -1.19 8.42
N TYR H 289 -25.93 -0.50 8.71
CA TYR H 289 -26.44 -0.37 10.06
C TYR H 289 -27.62 -1.31 10.27
N GLY H 290 -27.93 -1.58 11.54
CA GLY H 290 -29.07 -2.41 11.86
C GLY H 290 -28.92 -3.85 11.44
N GLY H 291 -27.70 -4.38 11.44
CA GLY H 291 -27.49 -5.78 11.15
C GLY H 291 -27.33 -6.12 9.69
N GLY H 292 -27.26 -5.11 8.81
CA GLY H 292 -26.94 -5.38 7.43
C GLY H 292 -25.49 -5.83 7.26
N GLY H 293 -25.31 -6.84 6.41
CA GLY H 293 -23.98 -7.36 6.16
C GLY H 293 -23.28 -6.67 5.01
N GLN H 294 -21.96 -6.79 5.00
CA GLN H 294 -21.12 -6.29 3.92
C GLN H 294 -20.45 -7.48 3.23
N TYR H 295 -20.66 -7.60 1.92
CA TYR H 295 -20.29 -8.80 1.17
C TYR H 295 -19.52 -8.42 -0.09
N PHE H 296 -18.36 -9.06 -0.26
CA PHE H 296 -17.58 -8.98 -1.49
C PHE H 296 -17.46 -10.37 -2.10
N ALA H 297 -17.50 -10.42 -3.43
CA ALA H 297 -17.40 -11.70 -4.13
C ALA H 297 -16.72 -11.52 -5.48
N GLY I 241 14.20 22.61 5.14
CA GLY I 241 13.37 22.21 4.02
C GLY I 241 13.97 21.08 3.21
N ASP I 242 13.10 20.21 2.69
CA ASP I 242 13.52 19.03 1.97
C ASP I 242 13.27 19.21 0.47
N GLY I 243 14.24 18.78 -0.33
CA GLY I 243 14.22 19.03 -1.75
C GLY I 243 13.84 17.79 -2.55
N TYR I 244 13.64 18.00 -3.85
CA TYR I 244 13.37 16.89 -4.75
C TYR I 244 13.71 17.33 -6.16
N ASN I 245 14.65 16.62 -6.80
CA ASN I 245 15.16 16.98 -8.12
C ASN I 245 14.95 15.84 -9.11
N GLY I 246 13.75 15.25 -9.08
CA GLY I 246 13.48 14.08 -9.91
C GLY I 246 13.37 14.44 -11.38
N PHE I 247 14.16 13.78 -12.22
CA PHE I 247 14.08 13.95 -13.67
C PHE I 247 13.34 12.76 -14.26
N GLY I 248 12.26 13.03 -14.98
CA GLY I 248 11.41 11.98 -15.51
C GLY I 248 10.63 11.20 -14.48
N ASN I 249 9.49 11.72 -14.06
CA ASN I 249 8.61 11.10 -13.08
C ASN I 249 7.39 10.56 -13.81
N ASP I 250 7.18 9.24 -13.76
CA ASP I 250 6.23 8.64 -14.69
C ASP I 250 4.85 8.48 -14.04
N GLY I 251 4.66 7.43 -13.24
CA GLY I 251 3.38 7.24 -12.56
C GLY I 251 2.15 7.13 -13.44
N SER I 252 2.34 6.93 -14.75
CA SER I 252 1.25 6.97 -15.71
C SER I 252 0.63 5.60 -15.98
N ASN I 253 -0.42 5.63 -16.82
CA ASN I 253 -1.06 4.45 -17.42
C ASN I 253 -1.32 3.33 -16.39
N PHE I 254 -1.82 3.75 -15.24
CA PHE I 254 -2.02 2.90 -14.07
C PHE I 254 -2.48 1.47 -14.35
N GLY I 255 -3.52 1.30 -15.16
CA GLY I 255 -4.10 -0.03 -15.33
C GLY I 255 -3.18 -1.08 -15.93
N GLY I 256 -2.04 -0.70 -16.49
CA GLY I 256 -1.08 -1.64 -17.00
C GLY I 256 -1.23 -1.98 -18.46
N GLY I 257 -2.39 -1.71 -19.07
CA GLY I 257 -2.64 -2.03 -20.45
C GLY I 257 -3.25 -3.39 -20.72
N GLY I 258 -3.57 -4.15 -19.67
CA GLY I 258 -4.37 -5.33 -19.83
C GLY I 258 -5.85 -5.03 -20.01
N SER I 259 -6.53 -5.97 -20.67
CA SER I 259 -7.97 -5.88 -20.89
C SER I 259 -8.72 -6.69 -19.84
N TYR I 260 -10.02 -6.44 -19.75
CA TYR I 260 -10.91 -7.14 -18.81
C TYR I 260 -10.47 -7.03 -17.35
N ASN I 261 -9.64 -6.06 -17.02
CA ASN I 261 -9.27 -5.84 -15.63
C ASN I 261 -10.45 -5.24 -14.86
N ASP I 262 -10.58 -5.63 -13.61
CA ASP I 262 -11.66 -5.19 -12.74
C ASP I 262 -11.07 -4.43 -11.56
N PHE I 263 -11.26 -3.11 -11.54
CA PHE I 263 -10.64 -2.30 -10.51
C PHE I 263 -11.46 -2.40 -9.23
N GLY I 264 -10.87 -2.00 -8.12
CA GLY I 264 -11.41 -2.31 -6.82
C GLY I 264 -12.44 -1.31 -6.33
N ASN I 265 -12.67 -1.33 -5.03
CA ASN I 265 -13.55 -0.37 -4.37
C ASN I 265 -12.85 0.26 -3.18
N TYR I 266 -13.08 1.56 -2.98
CA TYR I 266 -12.47 2.36 -1.93
C TYR I 266 -10.95 2.42 -2.00
N ASN I 267 -10.33 1.99 -3.10
CA ASN I 267 -8.88 2.05 -3.18
C ASN I 267 -8.40 3.49 -3.28
N ASN I 268 -7.15 3.71 -2.88
CA ASN I 268 -6.39 4.89 -3.29
C ASN I 268 -5.51 4.52 -4.47
N GLN I 269 -5.84 5.05 -5.64
CA GLN I 269 -5.08 4.82 -6.86
C GLN I 269 -4.56 6.12 -7.46
N SER I 270 -4.44 7.17 -6.64
CA SER I 270 -4.00 8.48 -7.12
C SER I 270 -2.52 8.48 -7.45
N SER I 271 -2.14 9.43 -8.31
CA SER I 271 -0.75 9.76 -8.57
C SER I 271 -0.50 11.19 -8.12
N ASN I 272 0.42 11.35 -7.16
CA ASN I 272 0.60 12.61 -6.45
C ASN I 272 2.02 13.13 -6.65
N PHE I 273 2.15 14.39 -7.04
CA PHE I 273 3.43 15.01 -7.33
C PHE I 273 3.54 16.33 -6.58
N GLY I 274 4.65 16.52 -5.88
CA GLY I 274 4.88 17.73 -5.13
C GLY I 274 4.78 17.52 -3.64
N PRO I 275 5.18 18.54 -2.87
CA PRO I 275 5.21 18.42 -1.41
C PRO I 275 3.88 17.96 -0.82
N MET I 276 3.94 16.95 0.04
CA MET I 276 2.75 16.36 0.65
C MET I 276 2.87 16.39 2.16
N LYS I 277 1.82 16.85 2.83
CA LYS I 277 1.76 16.86 4.29
C LYS I 277 0.45 16.26 4.74
N GLY I 278 0.50 15.37 5.72
CA GLY I 278 -0.65 14.66 6.22
C GLY I 278 -0.67 13.18 5.93
N GLY I 279 0.20 12.70 5.06
CA GLY I 279 0.36 11.28 4.82
C GLY I 279 -0.57 10.71 3.77
N ASN I 280 -0.23 9.51 3.31
CA ASN I 280 -0.94 8.83 2.23
C ASN I 280 -1.57 7.55 2.77
N PHE I 281 -2.87 7.39 2.55
CA PHE I 281 -3.63 6.33 3.20
C PHE I 281 -4.34 5.49 2.15
N GLY I 282 -4.68 4.26 2.55
CA GLY I 282 -5.60 3.44 1.80
C GLY I 282 -7.04 3.79 2.11
N GLY I 283 -7.92 2.85 1.81
CA GLY I 283 -9.30 3.00 2.21
C GLY I 283 -9.49 2.81 3.70
N ARG I 284 -10.59 3.35 4.22
CA ARG I 284 -10.96 3.21 5.61
C ARG I 284 -12.31 2.51 5.71
N SER I 285 -12.47 1.68 6.72
CA SER I 285 -13.74 1.02 6.99
C SER I 285 -14.08 1.14 8.46
N SER I 286 -15.34 1.41 8.75
CA SER I 286 -15.98 1.02 10.01
C SER I 286 -16.95 -0.11 9.71
N GLY I 287 -16.70 -1.28 10.29
CA GLY I 287 -17.45 -2.46 9.96
C GLY I 287 -18.91 -2.34 10.33
N PRO I 288 -19.74 -3.23 9.78
CA PRO I 288 -21.18 -3.13 9.98
C PRO I 288 -21.56 -3.17 11.45
N TYR I 289 -22.68 -2.54 11.77
CA TYR I 289 -23.11 -2.32 13.13
C TYR I 289 -24.35 -3.16 13.43
N GLY I 290 -24.53 -3.51 14.70
CA GLY I 290 -25.66 -4.32 15.09
C GLY I 290 -25.57 -5.76 14.65
N GLY I 291 -24.35 -6.33 14.64
CA GLY I 291 -24.17 -7.75 14.40
C GLY I 291 -24.10 -8.14 12.94
N GLY I 292 -24.14 -7.18 12.02
CA GLY I 292 -23.83 -7.49 10.63
C GLY I 292 -22.39 -7.95 10.46
N GLY I 293 -22.20 -8.98 9.65
CA GLY I 293 -20.88 -9.50 9.38
C GLY I 293 -20.23 -8.84 8.17
N GLN I 294 -18.91 -8.97 8.10
CA GLN I 294 -18.13 -8.52 6.95
C GLN I 294 -17.47 -9.72 6.31
N TYR I 295 -17.70 -9.90 5.02
CA TYR I 295 -17.37 -11.14 4.32
C TYR I 295 -16.59 -10.85 3.04
N PHE I 296 -15.50 -11.58 2.84
CA PHE I 296 -14.73 -11.56 1.61
C PHE I 296 -14.66 -12.96 1.02
N ALA I 297 -14.66 -13.03 -0.30
CA ALA I 297 -14.59 -14.31 -0.99
C ALA I 297 -13.93 -14.17 -2.35
N GLY J 241 18.24 20.19 4.85
CA GLY J 241 17.39 19.04 5.12
C GLY J 241 17.75 17.84 4.28
N ASP J 242 16.76 17.00 4.00
CA ASP J 242 16.94 15.82 3.17
C ASP J 242 16.77 16.18 1.70
N GLY J 243 17.38 15.35 0.83
CA GLY J 243 17.43 15.63 -0.58
C GLY J 243 17.10 14.39 -1.38
N TYR J 244 16.89 14.60 -2.69
CA TYR J 244 16.61 13.48 -3.58
C TYR J 244 16.96 13.88 -5.00
N ASN J 245 17.95 13.23 -5.59
CA ASN J 245 18.43 13.53 -6.93
C ASN J 245 18.18 12.37 -7.88
N GLY J 246 16.99 11.77 -7.80
CA GLY J 246 16.70 10.55 -8.53
C GLY J 246 16.43 10.80 -10.00
N PHE J 247 17.06 10.00 -10.86
CA PHE J 247 16.84 10.04 -12.29
C PHE J 247 16.03 8.81 -12.72
N GLY J 248 14.97 9.05 -13.48
CA GLY J 248 14.13 7.97 -13.98
C GLY J 248 13.24 7.30 -12.96
N ASN J 249 12.36 8.07 -12.32
CA ASN J 249 11.50 7.59 -11.24
C ASN J 249 10.20 7.06 -11.86
N ASP J 250 10.11 5.75 -12.04
CA ASP J 250 9.07 5.20 -12.91
C ASP J 250 7.75 5.05 -12.16
N GLY J 251 7.54 3.96 -11.44
CA GLY J 251 6.29 3.77 -10.73
C GLY J 251 5.01 3.69 -11.55
N SER J 252 5.14 3.48 -12.86
CA SER J 252 4.01 3.47 -13.77
C SER J 252 3.36 2.10 -13.94
N ASN J 253 2.21 2.13 -14.62
CA ASN J 253 1.51 0.95 -15.15
C ASN J 253 1.27 -0.13 -14.08
N PHE J 254 0.83 0.34 -12.91
CA PHE J 254 0.63 -0.47 -11.72
C PHE J 254 0.04 -1.87 -11.95
N GLY J 255 -1.00 -1.98 -12.77
CA GLY J 255 -1.64 -3.28 -12.94
C GLY J 255 -0.75 -4.36 -13.53
N GLY J 256 0.40 -4.01 -14.09
CA GLY J 256 1.35 -4.99 -14.58
C GLY J 256 1.15 -5.43 -16.01
N GLY J 257 -0.05 -5.23 -16.57
CA GLY J 257 -0.30 -5.54 -17.95
C GLY J 257 -0.90 -6.90 -18.22
N GLY J 258 -1.10 -7.71 -17.18
CA GLY J 258 -1.95 -8.88 -17.30
C GLY J 258 -3.42 -8.54 -17.42
N SER J 259 -4.17 -9.46 -18.01
CA SER J 259 -5.61 -9.32 -18.17
C SER J 259 -6.35 -10.07 -17.08
N TYR J 260 -7.64 -9.76 -16.95
CA TYR J 260 -8.54 -10.39 -15.97
C TYR J 260 -8.08 -10.21 -14.53
N ASN J 261 -7.17 -9.28 -14.27
CA ASN J 261 -6.76 -9.02 -12.89
C ASN J 261 -7.88 -8.36 -12.12
N ASP J 262 -8.06 -8.80 -10.87
CA ASP J 262 -9.06 -8.25 -9.96
C ASP J 262 -8.34 -7.51 -8.85
N PHE J 263 -8.66 -6.23 -8.68
CA PHE J 263 -7.99 -5.37 -7.71
C PHE J 263 -8.89 -5.30 -6.49
N GLY J 264 -8.34 -5.58 -5.31
CA GLY J 264 -9.15 -5.64 -4.12
C GLY J 264 -9.51 -4.28 -3.58
N ASN J 265 -9.93 -4.26 -2.32
CA ASN J 265 -10.69 -3.16 -1.75
C ASN J 265 -9.90 -2.50 -0.64
N TYR J 266 -10.12 -1.19 -0.47
CA TYR J 266 -9.45 -0.36 0.53
C TYR J 266 -7.94 -0.32 0.40
N ASN J 267 -7.37 -0.80 -0.69
CA ASN J 267 -5.91 -0.78 -0.83
C ASN J 267 -5.41 0.66 -0.95
N ASN J 268 -4.15 0.85 -0.61
CA ASN J 268 -3.37 2.00 -1.07
C ASN J 268 -2.51 1.57 -2.25
N GLN J 269 -2.85 2.09 -3.43
CA GLN J 269 -2.15 1.75 -4.67
C GLN J 269 -1.54 2.99 -5.32
N SER J 270 -1.40 4.08 -4.56
CA SER J 270 -0.95 5.34 -5.10
C SER J 270 0.53 5.32 -5.47
N SER J 271 0.90 6.23 -6.36
CA SER J 271 2.29 6.53 -6.68
C SER J 271 2.58 7.96 -6.27
N ASN J 272 3.57 8.15 -5.39
CA ASN J 272 3.80 9.43 -4.73
C ASN J 272 5.22 9.91 -5.01
N PHE J 273 5.33 11.16 -5.42
CA PHE J 273 6.61 11.77 -5.78
C PHE J 273 6.77 13.08 -5.04
N GLY J 274 7.94 13.31 -4.45
CA GLY J 274 8.21 14.52 -3.74
C GLY J 274 8.24 14.33 -2.23
N PRO J 275 8.59 15.38 -1.51
CA PRO J 275 8.75 15.24 -0.05
C PRO J 275 7.43 14.98 0.64
N MET J 276 7.42 14.00 1.55
CA MET J 276 6.21 13.49 2.15
C MET J 276 6.34 13.52 3.66
N LYS J 277 5.31 14.00 4.34
CA LYS J 277 5.27 14.05 5.79
C LYS J 277 3.94 13.49 6.28
N GLY J 278 4.00 12.68 7.35
CA GLY J 278 2.85 12.03 7.93
C GLY J 278 2.80 10.53 7.69
N GLY J 279 3.68 9.99 6.87
CA GLY J 279 3.79 8.56 6.69
C GLY J 279 2.81 8.00 5.67
N ASN J 280 3.14 6.81 5.18
CA ASN J 280 2.36 6.10 4.17
C ASN J 280 1.76 4.85 4.79
N PHE J 281 0.44 4.70 4.68
CA PHE J 281 -0.28 3.65 5.37
C PHE J 281 -1.05 2.78 4.38
N GLY J 282 -1.32 1.56 4.80
CA GLY J 282 -2.30 0.73 4.14
C GLY J 282 -3.72 1.13 4.50
N GLY J 283 -4.65 0.24 4.19
CA GLY J 283 -6.01 0.46 4.60
C GLY J 283 -6.19 0.24 6.09
N ARG J 284 -7.33 0.70 6.59
CA ARG J 284 -7.66 0.63 8.00
C ARG J 284 -9.06 0.06 8.16
N SER J 285 -9.25 -0.79 9.17
CA SER J 285 -10.57 -1.29 9.52
C SER J 285 -10.78 -1.16 11.01
N SER J 286 -11.93 -0.61 11.39
CA SER J 286 -12.54 -0.89 12.69
C SER J 286 -13.54 -2.03 12.50
N GLY J 287 -13.23 -3.20 13.04
CA GLY J 287 -13.97 -4.39 12.74
C GLY J 287 -15.41 -4.34 13.22
N PRO J 288 -16.24 -5.26 12.74
CA PRO J 288 -17.68 -5.17 12.96
C PRO J 288 -18.04 -5.14 14.44
N TYR J 289 -19.17 -4.51 14.74
CA TYR J 289 -19.56 -4.19 16.10
C TYR J 289 -20.80 -4.98 16.49
N GLY J 290 -20.89 -5.31 17.77
CA GLY J 290 -22.06 -6.01 18.27
C GLY J 290 -22.11 -7.48 17.87
N GLY J 291 -20.97 -8.14 17.85
CA GLY J 291 -20.93 -9.57 17.62
C GLY J 291 -20.89 -9.99 16.17
N GLY J 292 -20.78 -9.05 15.25
CA GLY J 292 -20.52 -9.40 13.86
C GLY J 292 -19.10 -9.88 13.66
N GLY J 293 -18.95 -10.95 12.88
CA GLY J 293 -17.64 -11.48 12.60
C GLY J 293 -17.03 -10.88 11.35
N GLN J 294 -15.72 -11.00 11.24
CA GLN J 294 -14.98 -10.63 10.04
C GLN J 294 -14.40 -11.90 9.41
N TYR J 295 -14.70 -12.12 8.14
CA TYR J 295 -14.43 -13.39 7.48
C TYR J 295 -13.69 -13.16 6.17
N PHE J 296 -12.62 -13.93 5.97
CA PHE J 296 -11.90 -14.01 4.72
C PHE J 296 -11.90 -15.44 4.20
N ALA J 297 -11.97 -15.57 2.88
CA ALA J 297 -11.99 -16.89 2.24
C ALA J 297 -11.27 -16.86 0.91
N GLY K 241 21.57 16.50 7.15
CA GLY K 241 20.78 16.08 6.01
C GLY K 241 21.26 14.77 5.40
N ASP K 242 20.30 13.95 4.98
CA ASP K 242 20.59 12.67 4.35
C ASP K 242 20.26 12.74 2.87
N GLY K 243 21.18 12.22 2.04
CA GLY K 243 21.10 12.38 0.60
C GLY K 243 20.59 11.12 -0.07
N TYR K 244 20.33 11.26 -1.38
CA TYR K 244 19.96 10.11 -2.20
C TYR K 244 20.23 10.44 -3.66
N ASN K 245 21.08 9.65 -4.30
CA ASN K 245 21.49 9.92 -5.67
C ASN K 245 21.19 8.72 -6.56
N GLY K 246 19.97 8.18 -6.45
CA GLY K 246 19.62 6.95 -7.14
C GLY K 246 19.38 7.16 -8.63
N PHE K 247 19.97 6.30 -9.45
CA PHE K 247 19.77 6.31 -10.89
C PHE K 247 18.94 5.09 -11.29
N GLY K 248 17.85 5.34 -12.02
CA GLY K 248 16.98 4.25 -12.46
C GLY K 248 16.14 3.62 -11.37
N ASN K 249 15.26 4.40 -10.75
CA ASN K 249 14.60 3.98 -9.52
C ASN K 249 13.41 3.06 -9.78
N ASP K 250 12.90 3.01 -11.01
CA ASP K 250 11.95 1.98 -11.45
C ASP K 250 10.76 1.84 -10.51
N GLY K 251 10.69 0.74 -9.76
CA GLY K 251 9.52 0.49 -8.92
C GLY K 251 8.22 0.32 -9.67
N SER K 252 8.27 0.04 -10.97
CA SER K 252 7.12 0.06 -11.86
C SER K 252 6.36 -1.27 -11.89
N ASN K 253 5.18 -1.21 -12.52
CA ASN K 253 4.37 -2.35 -12.96
C ASN K 253 4.16 -3.41 -11.87
N PHE K 254 3.75 -2.92 -10.69
CA PHE K 254 3.50 -3.70 -9.49
C PHE K 254 2.97 -5.12 -9.69
N GLY K 255 1.89 -5.27 -10.46
CA GLY K 255 1.20 -6.54 -10.54
C GLY K 255 2.01 -7.69 -11.09
N GLY K 256 3.15 -7.43 -11.72
CA GLY K 256 4.04 -8.47 -12.16
C GLY K 256 3.80 -8.98 -13.57
N GLY K 257 2.63 -8.71 -14.15
CA GLY K 257 2.32 -9.14 -15.49
C GLY K 257 1.59 -10.46 -15.59
N GLY K 258 1.29 -11.11 -14.46
CA GLY K 258 0.43 -12.27 -14.48
C GLY K 258 -1.04 -11.90 -14.66
N SER K 259 -1.81 -12.87 -15.14
CA SER K 259 -3.25 -12.73 -15.31
C SER K 259 -4.00 -13.44 -14.19
N TYR K 260 -5.29 -13.12 -14.09
CA TYR K 260 -6.20 -13.70 -13.09
C TYR K 260 -5.72 -13.51 -11.66
N ASN K 261 -4.80 -12.58 -11.41
CA ASN K 261 -4.39 -12.30 -10.04
C ASN K 261 -5.50 -11.57 -9.29
N ASP K 262 -5.43 -11.64 -7.97
CA ASP K 262 -6.46 -11.08 -7.09
C ASP K 262 -5.76 -10.28 -5.99
N PHE K 263 -5.68 -8.98 -6.16
CA PHE K 263 -4.97 -8.16 -5.19
C PHE K 263 -5.81 -8.02 -3.93
N GLY K 264 -5.13 -7.87 -2.80
CA GLY K 264 -5.77 -8.03 -1.51
C GLY K 264 -6.56 -6.83 -1.05
N ASN K 265 -6.77 -6.78 0.26
CA ASN K 265 -7.55 -5.74 0.92
C ASN K 265 -6.70 -5.04 1.98
N TYR K 266 -6.89 -3.73 2.11
CA TYR K 266 -6.18 -2.88 3.05
C TYR K 266 -4.66 -2.89 2.90
N ASN K 267 -4.13 -3.44 1.80
CA ASN K 267 -2.69 -3.47 1.65
C ASN K 267 -2.14 -2.08 1.36
N ASN K 268 -0.88 -1.86 1.72
CA ASN K 268 -0.11 -0.72 1.22
C ASN K 268 0.72 -1.17 0.01
N GLN K 269 0.18 -0.96 -1.19
CA GLN K 269 0.83 -1.33 -2.43
C GLN K 269 1.50 -0.13 -3.11
N SER K 270 1.65 0.98 -2.40
CA SER K 270 2.09 2.23 -3.01
C SER K 270 3.55 2.18 -3.43
N SER K 271 3.91 3.05 -4.37
CA SER K 271 5.30 3.32 -4.72
C SER K 271 5.60 4.78 -4.41
N ASN K 272 6.60 5.02 -3.57
CA ASN K 272 6.87 6.33 -3.00
C ASN K 272 8.30 6.75 -3.30
N PHE K 273 8.46 7.94 -3.89
CA PHE K 273 9.77 8.45 -4.28
C PHE K 273 9.97 9.82 -3.66
N GLY K 274 11.06 9.97 -2.90
CA GLY K 274 11.37 11.23 -2.28
C GLY K 274 11.40 11.16 -0.76
N PRO K 275 11.86 12.24 -0.13
CA PRO K 275 12.00 12.23 1.34
C PRO K 275 10.69 11.88 2.04
N MET K 276 10.78 10.96 3.00
CA MET K 276 9.61 10.45 3.71
C MET K 276 9.81 10.61 5.21
N LYS K 277 8.81 11.15 5.89
CA LYS K 277 8.83 11.27 7.34
C LYS K 277 7.53 10.73 7.91
N GLY K 278 7.64 9.98 9.01
CA GLY K 278 6.51 9.34 9.63
C GLY K 278 6.37 7.85 9.40
N GLY K 279 7.26 7.27 8.60
CA GLY K 279 7.33 5.83 8.45
C GLY K 279 6.33 5.26 7.47
N ASN K 280 6.57 4.01 7.09
CA ASN K 280 5.75 3.28 6.13
C ASN K 280 5.12 2.07 6.82
N PHE K 281 3.82 1.91 6.66
CA PHE K 281 3.06 0.92 7.41
C PHE K 281 2.30 0.02 6.46
N GLY K 282 1.96 -1.17 6.94
CA GLY K 282 0.94 -1.99 6.33
C GLY K 282 -0.46 -1.54 6.71
N GLY K 283 -1.42 -2.44 6.54
CA GLY K 283 -2.76 -2.17 7.00
C GLY K 283 -2.90 -2.34 8.50
N ARG K 284 -3.97 -1.76 9.03
CA ARG K 284 -4.26 -1.83 10.45
C ARG K 284 -5.66 -2.38 10.65
N SER K 285 -5.83 -3.20 11.69
CA SER K 285 -7.15 -3.69 12.08
C SER K 285 -7.35 -3.49 13.57
N SER K 286 -8.51 -2.94 13.94
CA SER K 286 -9.09 -3.12 15.26
C SER K 286 -10.15 -4.21 15.16
N GLY K 287 -9.86 -5.37 15.76
CA GLY K 287 -10.67 -6.55 15.54
C GLY K 287 -12.08 -6.41 16.02
N PRO K 288 -12.95 -7.34 15.60
CA PRO K 288 -14.39 -7.20 15.88
C PRO K 288 -14.68 -7.07 17.37
N TYR K 289 -15.78 -6.38 17.67
CA TYR K 289 -16.13 -6.01 19.03
C TYR K 289 -17.38 -6.76 19.45
N GLY K 290 -17.49 -7.01 20.75
CA GLY K 290 -18.65 -7.71 21.27
C GLY K 290 -18.67 -9.18 20.96
N GLY K 291 -17.51 -9.83 20.92
CA GLY K 291 -17.43 -11.26 20.77
C GLY K 291 -17.49 -11.77 19.34
N GLY K 292 -17.42 -10.88 18.36
CA GLY K 292 -17.24 -11.31 16.99
C GLY K 292 -15.85 -11.86 16.75
N GLY K 293 -15.78 -12.95 15.98
CA GLY K 293 -14.50 -13.57 15.70
C GLY K 293 -13.86 -13.04 14.44
N GLN K 294 -12.56 -13.28 14.31
CA GLN K 294 -11.79 -12.96 13.12
C GLN K 294 -11.26 -14.25 12.51
N TYR K 295 -11.58 -14.50 11.25
CA TYR K 295 -11.34 -15.79 10.61
C TYR K 295 -10.66 -15.59 9.27
N PHE K 296 -9.59 -16.35 9.04
CA PHE K 296 -8.93 -16.45 7.74
C PHE K 296 -8.97 -17.89 7.27
N ALA K 297 -9.13 -18.07 5.95
CA ALA K 297 -9.23 -19.40 5.37
C ALA K 297 -8.66 -19.42 3.96
N GLY L 241 25.41 13.88 6.87
CA GLY L 241 24.65 12.74 7.33
C GLY L 241 24.92 11.48 6.54
N ASP L 242 23.91 10.61 6.44
CA ASP L 242 24.02 9.41 5.64
C ASP L 242 23.77 9.70 4.17
N GLY L 243 24.23 8.78 3.31
CA GLY L 243 24.15 8.98 1.88
C GLY L 243 23.80 7.68 1.19
N TYR L 244 23.52 7.80 -0.11
CA TYR L 244 23.12 6.62 -0.89
C TYR L 244 23.35 6.90 -2.36
N ASN L 245 24.22 6.13 -3.00
CA ASN L 245 24.64 6.35 -4.38
C ASN L 245 24.26 5.14 -5.24
N GLY L 246 23.07 4.60 -5.01
CA GLY L 246 22.69 3.36 -5.66
C GLY L 246 22.39 3.56 -7.14
N PHE L 247 22.98 2.70 -7.98
CA PHE L 247 22.72 2.68 -9.41
C PHE L 247 21.85 1.47 -9.75
N GLY L 248 20.73 1.72 -10.42
CA GLY L 248 19.83 0.64 -10.80
C GLY L 248 19.07 0.00 -9.66
N ASN L 249 18.06 0.71 -9.13
CA ASN L 249 17.40 0.31 -7.90
C ASN L 249 16.21 -0.62 -8.11
N ASP L 250 15.71 -0.73 -9.34
CA ASP L 250 14.71 -1.73 -9.75
C ASP L 250 13.52 -1.79 -8.79
N GLY L 251 13.49 -2.79 -7.91
CA GLY L 251 12.36 -2.92 -7.00
C GLY L 251 11.00 -3.10 -7.65
N SER L 252 10.96 -3.49 -8.92
CA SER L 252 9.75 -3.45 -9.74
C SER L 252 8.99 -4.77 -9.75
N ASN L 253 7.80 -4.71 -10.38
CA ASN L 253 6.99 -5.86 -10.78
C ASN L 253 6.77 -6.87 -9.65
N PHE L 254 6.44 -6.34 -8.48
CA PHE L 254 6.24 -7.04 -7.22
C PHE L 254 5.63 -8.45 -7.31
N GLY L 255 4.51 -8.60 -8.02
CA GLY L 255 3.81 -9.87 -8.01
C GLY L 255 4.59 -11.05 -8.55
N GLY L 256 5.68 -10.81 -9.27
CA GLY L 256 6.53 -11.88 -9.76
C GLY L 256 6.17 -12.43 -11.12
N GLY L 257 4.97 -12.11 -11.64
CA GLY L 257 4.56 -12.58 -12.93
C GLY L 257 3.86 -13.92 -12.96
N GLY L 258 3.67 -14.56 -11.81
CA GLY L 258 2.78 -15.70 -11.74
C GLY L 258 1.32 -15.31 -11.89
N SER L 259 0.54 -16.23 -12.45
CA SER L 259 -0.90 -16.08 -12.57
C SER L 259 -1.60 -16.73 -11.40
N TYR L 260 -2.87 -16.37 -11.20
CA TYR L 260 -3.71 -16.90 -10.12
C TYR L 260 -3.11 -16.69 -8.74
N ASN L 261 -2.17 -15.75 -8.60
CA ASN L 261 -1.66 -15.41 -7.28
C ASN L 261 -2.71 -14.65 -6.49
N ASP L 262 -2.82 -14.97 -5.21
CA ASP L 262 -3.71 -14.31 -4.26
C ASP L 262 -2.86 -13.48 -3.31
N PHE L 263 -3.16 -12.19 -3.23
CA PHE L 263 -2.43 -11.25 -2.40
C PHE L 263 -3.25 -11.08 -1.13
N GLY L 264 -2.67 -11.41 0.02
CA GLY L 264 -3.42 -11.30 1.25
C GLY L 264 -3.61 -9.85 1.67
N ASN L 265 -4.02 -9.69 2.91
CA ASN L 265 -4.59 -8.44 3.37
C ASN L 265 -3.84 -7.88 4.56
N TYR L 266 -3.94 -6.56 4.72
CA TYR L 266 -3.20 -5.77 5.68
C TYR L 266 -1.69 -5.82 5.50
N ASN L 267 -1.20 -6.37 4.40
CA ASN L 267 0.24 -6.40 4.17
C ASN L 267 0.77 -4.99 3.91
N ASN L 268 2.06 -4.82 4.15
CA ASN L 268 2.84 -3.77 3.52
C ASN L 268 3.55 -4.35 2.30
N GLN L 269 3.33 -3.73 1.14
CA GLN L 269 3.91 -4.20 -0.12
C GLN L 269 4.49 -3.04 -0.92
N SER L 270 4.81 -1.94 -0.26
CA SER L 270 5.24 -0.73 -0.93
C SER L 270 6.69 -0.81 -1.37
N SER L 271 7.02 -0.02 -2.40
CA SER L 271 8.40 0.19 -2.82
C SER L 271 8.76 1.63 -2.53
N ASN L 272 9.78 1.84 -1.71
CA ASN L 272 10.10 3.16 -1.16
C ASN L 272 11.52 3.54 -1.53
N PHE L 273 11.70 4.76 -2.04
CA PHE L 273 12.98 5.24 -2.51
C PHE L 273 13.25 6.62 -1.93
N GLY L 274 14.46 6.81 -1.40
CA GLY L 274 14.81 8.07 -0.78
C GLY L 274 14.84 8.01 0.74
N PRO L 275 15.35 9.08 1.36
CA PRO L 275 15.58 9.05 2.81
C PRO L 275 14.29 8.85 3.60
N MET L 276 14.31 7.90 4.52
CA MET L 276 13.13 7.47 5.27
C MET L 276 13.37 7.67 6.76
N LYS L 277 12.38 8.23 7.45
CA LYS L 277 12.46 8.39 8.90
C LYS L 277 11.15 7.94 9.51
N GLY L 278 11.26 7.19 10.61
CA GLY L 278 10.13 6.58 11.28
C GLY L 278 10.02 5.09 11.09
N GLY L 279 10.86 4.49 10.25
CA GLY L 279 10.91 3.05 10.10
C GLY L 279 9.80 2.47 9.23
N ASN L 280 9.91 1.16 9.00
CA ASN L 280 9.01 0.43 8.13
C ASN L 280 8.36 -0.70 8.89
N PHE L 281 7.05 -0.89 8.71
CA PHE L 281 6.29 -1.81 9.53
C PHE L 281 5.46 -2.72 8.64
N GLY L 282 5.03 -3.83 9.22
CA GLY L 282 4.01 -4.67 8.64
C GLY L 282 2.61 -4.22 9.04
N GLY L 283 1.67 -5.13 8.91
CA GLY L 283 0.34 -4.87 9.40
C GLY L 283 0.26 -4.92 10.92
N ARG L 284 -0.75 -4.24 11.45
CA ARG L 284 -0.99 -4.18 12.89
C ARG L 284 -2.37 -4.74 13.19
N SER L 285 -2.48 -5.45 14.31
CA SER L 285 -3.77 -5.94 14.77
C SER L 285 -3.94 -5.61 16.24
N SER L 286 -5.14 -5.18 16.60
CA SER L 286 -5.69 -5.37 17.95
C SER L 286 -6.75 -6.44 17.87
N GLY L 287 -6.56 -7.53 18.61
CA GLY L 287 -7.37 -8.70 18.43
C GLY L 287 -8.80 -8.49 18.85
N PRO L 288 -9.68 -9.40 18.46
CA PRO L 288 -11.11 -9.25 18.75
C PRO L 288 -11.37 -9.07 20.23
N TYR L 289 -12.33 -8.21 20.55
CA TYR L 289 -12.64 -7.83 21.92
C TYR L 289 -13.87 -8.56 22.40
N GLY L 290 -13.97 -8.71 23.72
CA GLY L 290 -15.14 -9.35 24.30
C GLY L 290 -15.20 -10.84 24.06
N GLY L 291 -14.06 -11.51 23.98
CA GLY L 291 -14.01 -12.95 23.93
C GLY L 291 -14.07 -13.56 22.55
N GLY L 292 -14.10 -12.74 21.49
CA GLY L 292 -13.96 -13.25 20.15
C GLY L 292 -12.57 -13.80 19.91
N GLY L 293 -12.50 -14.95 19.25
CA GLY L 293 -11.23 -15.57 18.93
C GLY L 293 -10.66 -15.08 17.61
N GLN L 294 -9.37 -15.34 17.43
CA GLN L 294 -8.67 -15.06 16.18
C GLN L 294 -8.15 -16.37 15.60
N TYR L 295 -8.49 -16.64 14.34
CA TYR L 295 -8.28 -17.95 13.74
C TYR L 295 -7.60 -17.83 12.40
N PHE L 296 -6.58 -18.66 12.18
CA PHE L 296 -5.92 -18.80 10.89
C PHE L 296 -5.98 -20.26 10.46
N ALA L 297 -6.21 -20.48 9.17
CA ALA L 297 -6.30 -21.83 8.64
C ALA L 297 -5.84 -21.89 7.19
N GLY M 241 28.87 10.16 9.30
CA GLY M 241 27.86 9.65 8.39
C GLY M 241 28.29 8.37 7.68
N ASP M 242 27.30 7.62 7.20
CA ASP M 242 27.53 6.32 6.59
C ASP M 242 27.11 6.34 5.12
N GLY M 243 27.86 5.60 4.30
CA GLY M 243 27.72 5.65 2.87
C GLY M 243 27.13 4.36 2.33
N TYR M 244 26.77 4.40 1.04
CA TYR M 244 26.33 3.19 0.35
C TYR M 244 26.54 3.38 -1.14
N ASN M 245 27.38 2.54 -1.74
CA ASN M 245 27.75 2.62 -3.15
C ASN M 245 27.31 1.38 -3.90
N GLY M 246 26.10 0.91 -3.63
CA GLY M 246 25.64 -0.34 -4.23
C GLY M 246 25.30 -0.20 -5.69
N PHE M 247 25.83 -1.10 -6.51
CA PHE M 247 25.51 -1.18 -7.93
C PHE M 247 24.59 -2.36 -8.18
N GLY M 248 23.47 -2.12 -8.86
CA GLY M 248 22.55 -3.19 -9.18
C GLY M 248 21.77 -3.76 -8.01
N ASN M 249 20.83 -3.00 -7.47
CA ASN M 249 20.19 -3.31 -6.20
C ASN M 249 18.94 -4.18 -6.36
N ASP M 250 18.52 -4.47 -7.60
CA ASP M 250 17.48 -5.43 -7.94
C ASP M 250 16.29 -5.42 -6.98
N GLY M 251 16.22 -6.38 -6.05
CA GLY M 251 15.11 -6.40 -5.10
C GLY M 251 13.73 -6.56 -5.71
N SER M 252 13.63 -7.03 -6.94
CA SER M 252 12.41 -6.98 -7.74
C SER M 252 11.60 -8.29 -7.65
N ASN M 253 10.42 -8.23 -8.25
CA ASN M 253 9.56 -9.38 -8.56
C ASN M 253 9.34 -10.30 -7.36
N PHE M 254 9.02 -9.66 -6.24
CA PHE M 254 8.88 -10.30 -4.93
C PHE M 254 8.27 -11.71 -4.92
N GLY M 255 7.12 -11.88 -5.57
CA GLY M 255 6.41 -13.14 -5.47
C GLY M 255 7.13 -14.35 -6.04
N GLY M 256 8.23 -14.17 -6.76
CA GLY M 256 9.03 -15.27 -7.24
C GLY M 256 8.59 -15.84 -8.58
N GLY M 257 7.37 -15.55 -9.02
CA GLY M 257 6.87 -16.01 -10.30
C GLY M 257 6.19 -17.36 -10.29
N GLY M 258 6.07 -18.00 -9.13
CA GLY M 258 5.15 -19.12 -9.00
C GLY M 258 3.69 -18.70 -9.08
N SER M 259 2.86 -19.62 -9.52
CA SER M 259 1.42 -19.41 -9.59
C SER M 259 0.73 -19.97 -8.35
N TYR M 260 -0.52 -19.58 -8.17
CA TYR M 260 -1.38 -20.04 -7.07
C TYR M 260 -0.80 -19.75 -5.69
N ASN M 261 0.18 -18.88 -5.59
CA ASN M 261 0.70 -18.52 -4.28
C ASN M 261 -0.30 -17.66 -3.51
N ASP M 262 -0.27 -17.78 -2.19
CA ASP M 262 -1.19 -17.08 -1.30
C ASP M 262 -0.36 -16.24 -0.33
N PHE M 263 -0.20 -14.96 -0.65
CA PHE M 263 0.58 -14.08 0.22
C PHE M 263 -0.23 -13.82 1.49
N GLY M 264 0.39 -13.93 2.65
CA GLY M 264 -0.35 -13.96 3.90
C GLY M 264 -0.78 -12.60 4.38
N ASN M 265 -0.92 -12.48 5.69
CA ASN M 265 -1.64 -11.38 6.31
C ASN M 265 -0.76 -10.61 7.27
N TYR M 266 -0.91 -9.29 7.30
CA TYR M 266 -0.13 -8.38 8.14
C TYR M 266 1.38 -8.44 7.89
N ASN M 267 1.84 -9.09 6.82
CA ASN M 267 3.27 -9.15 6.59
C ASN M 267 3.83 -7.77 6.25
N ASN M 268 5.13 -7.62 6.43
CA ASN M 268 5.90 -6.57 5.77
C ASN M 268 6.63 -7.17 4.58
N GLN M 269 6.31 -6.68 3.38
CA GLN M 269 6.87 -7.19 2.14
C GLN M 269 7.46 -6.07 1.29
N SER M 270 7.74 -4.92 1.91
CA SER M 270 8.23 -3.75 1.18
C SER M 270 9.64 -3.95 0.66
N SER M 271 9.99 -3.15 -0.34
CA SER M 271 11.37 -3.00 -0.82
C SER M 271 11.78 -1.55 -0.58
N ASN M 272 12.84 -1.35 0.22
CA ASN M 272 13.20 -0.04 0.71
C ASN M 272 14.61 0.32 0.28
N PHE M 273 14.76 1.50 -0.32
CA PHE M 273 16.03 1.97 -0.87
C PHE M 273 16.34 3.35 -0.33
N GLY M 274 17.53 3.52 0.22
CA GLY M 274 17.95 4.78 0.76
C GLY M 274 18.12 4.74 2.26
N PRO M 275 18.65 5.83 2.84
CA PRO M 275 18.96 5.82 4.27
C PRO M 275 17.69 5.74 5.11
N MET M 276 17.73 4.88 6.13
CA MET M 276 16.55 4.58 6.94
C MET M 276 16.86 4.78 8.40
N LYS M 277 15.93 5.39 9.12
CA LYS M 277 16.03 5.55 10.56
C LYS M 277 14.70 5.17 11.21
N GLY M 278 14.78 4.41 12.30
CA GLY M 278 13.62 3.89 12.99
C GLY M 278 13.43 2.39 12.87
N GLY M 279 14.22 1.72 12.04
CA GLY M 279 14.22 0.28 11.98
C GLY M 279 13.12 -0.31 11.12
N ASN M 280 13.25 -1.62 10.88
CA ASN M 280 12.32 -2.38 10.06
C ASN M 280 11.69 -3.47 10.90
N PHE M 281 10.37 -3.58 10.86
CA PHE M 281 9.65 -4.49 11.73
C PHE M 281 8.75 -5.41 10.90
N GLY M 282 8.41 -6.55 11.47
CA GLY M 282 7.34 -7.38 10.99
C GLY M 282 5.98 -6.84 11.41
N GLY M 283 4.98 -7.69 11.30
CA GLY M 283 3.67 -7.34 11.80
C GLY M 283 3.61 -7.35 13.31
N ARG M 284 2.61 -6.69 13.85
CA ARG M 284 2.39 -6.61 15.29
C ARG M 284 0.98 -7.10 15.59
N SER M 285 0.83 -7.82 16.70
CA SER M 285 -0.48 -8.18 17.21
C SER M 285 -0.55 -7.89 18.71
N SER M 286 -1.60 -7.19 19.13
CA SER M 286 -2.11 -7.28 20.49
C SER M 286 -3.19 -8.35 20.50
N GLY M 287 -2.91 -9.47 21.16
CA GLY M 287 -3.76 -10.63 21.04
C GLY M 287 -5.13 -10.43 21.64
N PRO M 288 -6.05 -11.34 21.33
CA PRO M 288 -7.46 -11.13 21.67
C PRO M 288 -7.68 -10.92 23.15
N TYR M 289 -8.73 -10.17 23.47
CA TYR M 289 -8.99 -9.68 24.81
C TYR M 289 -10.25 -10.35 25.37
N GLY M 290 -10.28 -10.53 26.68
CA GLY M 290 -11.43 -11.11 27.32
C GLY M 290 -11.58 -12.60 27.10
N GLY M 291 -10.47 -13.33 27.01
CA GLY M 291 -10.50 -14.77 26.99
C GLY M 291 -10.60 -15.40 25.61
N GLY M 292 -10.60 -14.58 24.54
CA GLY M 292 -10.49 -15.14 23.20
C GLY M 292 -9.10 -15.71 22.95
N GLY M 293 -9.08 -16.88 22.31
CA GLY M 293 -7.83 -17.51 21.97
C GLY M 293 -7.31 -17.11 20.61
N GLN M 294 -6.02 -17.36 20.39
CA GLN M 294 -5.38 -17.12 19.10
C GLN M 294 -4.93 -18.46 18.55
N TYR M 295 -5.41 -18.81 17.35
CA TYR M 295 -5.28 -20.15 16.80
C TYR M 295 -4.62 -20.10 15.44
N PHE M 296 -3.54 -20.87 15.27
CA PHE M 296 -2.92 -21.12 13.99
C PHE M 296 -3.08 -22.60 13.64
N ALA M 297 -3.73 -22.87 12.51
CA ALA M 297 -3.92 -24.23 12.06
C ALA M 297 -3.02 -24.55 10.86
N GLY N 241 32.39 7.36 8.76
CA GLY N 241 31.69 6.27 9.44
C GLY N 241 31.85 4.94 8.71
N ASP N 242 30.78 4.15 8.73
CA ASP N 242 30.78 2.87 8.04
C ASP N 242 30.46 3.04 6.56
N GLY N 243 30.97 2.11 5.75
CA GLY N 243 30.82 2.18 4.32
C GLY N 243 30.33 0.86 3.76
N TYR N 244 29.92 0.90 2.50
CA TYR N 244 29.45 -0.31 1.82
C TYR N 244 29.65 -0.15 0.32
N ASN N 245 30.43 -1.05 -0.27
CA ASN N 245 30.76 -0.96 -1.69
C ASN N 245 30.31 -2.23 -2.41
N GLY N 246 29.06 -2.64 -2.16
CA GLY N 246 28.56 -3.89 -2.70
C GLY N 246 28.21 -3.80 -4.17
N PHE N 247 28.76 -4.71 -4.97
CA PHE N 247 28.47 -4.79 -6.40
C PHE N 247 27.54 -5.97 -6.65
N GLY N 248 26.37 -5.69 -7.22
CA GLY N 248 25.38 -6.73 -7.43
C GLY N 248 24.73 -7.28 -6.18
N ASN N 249 23.65 -6.63 -5.72
CA ASN N 249 23.08 -6.91 -4.41
C ASN N 249 21.82 -7.76 -4.47
N ASP N 250 21.36 -8.13 -5.67
CA ASP N 250 20.26 -9.06 -5.90
C ASP N 250 19.11 -8.92 -4.90
N GLY N 251 19.05 -9.78 -3.89
CA GLY N 251 17.96 -9.73 -2.94
C GLY N 251 16.57 -9.91 -3.49
N SER N 252 16.43 -10.43 -4.72
CA SER N 252 15.20 -10.39 -5.47
C SER N 252 14.33 -11.65 -5.28
N ASN N 253 13.12 -11.56 -5.83
CA ASN N 253 12.19 -12.68 -6.07
C ASN N 253 12.03 -13.60 -4.85
N PHE N 254 11.82 -12.96 -3.70
CA PHE N 254 11.60 -13.59 -2.40
C PHE N 254 10.94 -14.97 -2.39
N GLY N 255 9.79 -15.10 -3.06
CA GLY N 255 9.03 -16.33 -2.98
C GLY N 255 9.74 -17.59 -3.44
N GLY N 256 10.81 -17.45 -4.21
CA GLY N 256 11.62 -18.58 -4.61
C GLY N 256 11.23 -19.24 -5.91
N GLY N 257 10.02 -18.98 -6.40
CA GLY N 257 9.56 -19.55 -7.65
C GLY N 257 8.71 -20.79 -7.54
N GLY N 258 8.54 -21.33 -6.33
CA GLY N 258 7.59 -22.41 -6.14
C GLY N 258 6.15 -21.95 -6.22
N SER N 259 5.27 -22.85 -6.63
CA SER N 259 3.83 -22.62 -6.69
C SER N 259 3.16 -23.15 -5.44
N TYR N 260 1.91 -22.73 -5.24
CA TYR N 260 1.07 -23.14 -4.11
C TYR N 260 1.71 -22.82 -2.75
N ASN N 261 2.70 -21.94 -2.71
CA ASN N 261 3.26 -21.55 -1.43
C ASN N 261 2.31 -20.63 -0.67
N ASP N 262 2.37 -20.72 0.65
CA ASP N 262 1.49 -19.97 1.54
C ASP N 262 2.35 -19.13 2.47
N PHE N 263 2.49 -17.84 2.18
CA PHE N 263 3.35 -17.00 2.99
C PHE N 263 2.64 -16.68 4.30
N GLY N 264 3.42 -16.47 5.35
CA GLY N 264 2.87 -16.50 6.68
C GLY N 264 2.19 -15.23 7.12
N ASN N 265 2.05 -15.09 8.43
CA ASN N 265 1.43 -13.94 9.05
C ASN N 265 2.44 -13.15 9.89
N TYR N 266 2.31 -11.84 9.87
CA TYR N 266 3.12 -10.91 10.67
C TYR N 266 4.62 -11.03 10.40
N ASN N 267 5.03 -11.68 9.32
CA ASN N 267 6.47 -11.79 9.08
C ASN N 267 7.04 -10.45 8.65
N ASN N 268 8.36 -10.32 8.80
CA ASN N 268 9.13 -9.32 8.07
C ASN N 268 9.80 -9.99 6.88
N GLN N 269 9.43 -9.56 5.67
CA GLN N 269 9.91 -10.15 4.43
C GLN N 269 10.57 -9.12 3.54
N SER N 270 10.88 -7.95 4.08
CA SER N 270 11.33 -6.82 3.28
C SER N 270 12.74 -7.03 2.75
N SER N 271 13.04 -6.34 1.66
CA SER N 271 14.41 -6.21 1.15
C SER N 271 14.83 -4.75 1.29
N ASN N 272 15.90 -4.51 2.02
CA ASN N 272 16.27 -3.17 2.45
C ASN N 272 17.70 -2.87 2.04
N PHE N 273 17.91 -1.70 1.43
CA PHE N 273 19.20 -1.32 0.89
C PHE N 273 19.54 0.10 1.36
N GLY N 274 20.76 0.28 1.83
CA GLY N 274 21.19 1.55 2.33
C GLY N 274 21.24 1.58 3.85
N PRO N 275 21.89 2.59 4.42
CA PRO N 275 22.24 2.54 5.84
C PRO N 275 21.00 2.59 6.72
N MET N 276 20.98 1.72 7.73
CA MET N 276 19.79 1.49 8.55
C MET N 276 20.12 1.76 10.01
N LYS N 277 19.22 2.46 10.70
CA LYS N 277 19.36 2.71 12.12
C LYS N 277 18.07 2.31 12.83
N GLY N 278 18.23 1.65 13.98
CA GLY N 278 17.12 1.14 14.76
C GLY N 278 16.87 -0.35 14.63
N GLY N 279 17.70 -1.07 13.89
CA GLY N 279 17.67 -2.52 13.88
C GLY N 279 16.54 -3.10 13.05
N ASN N 280 16.61 -4.41 12.87
CA ASN N 280 15.66 -5.17 12.06
C ASN N 280 15.01 -6.23 12.94
N PHE N 281 13.68 -6.29 12.91
CA PHE N 281 12.94 -7.15 13.82
C PHE N 281 12.02 -8.08 13.04
N GLY N 282 11.67 -9.19 13.68
CA GLY N 282 10.55 -10.00 13.25
C GLY N 282 9.23 -9.42 13.69
N GLY N 283 8.22 -10.28 13.77
CA GLY N 283 6.96 -9.88 14.33
C GLY N 283 7.00 -9.76 15.83
N ARG N 284 6.00 -9.08 16.38
CA ARG N 284 5.82 -8.97 17.82
C ARG N 284 4.41 -9.39 18.18
N SER N 285 4.29 -10.22 19.23
CA SER N 285 2.99 -10.61 19.77
C SER N 285 2.93 -10.23 21.23
N SER N 286 1.92 -9.44 21.60
CA SER N 286 1.43 -9.35 22.97
C SER N 286 0.29 -10.36 23.12
N GLY N 287 0.60 -11.51 23.71
CA GLY N 287 -0.29 -12.65 23.68
C GLY N 287 -1.62 -12.41 24.36
N PRO N 288 -2.57 -13.31 24.11
CA PRO N 288 -3.97 -13.05 24.49
C PRO N 288 -4.14 -12.73 25.97
N TYR N 289 -5.17 -11.96 26.27
CA TYR N 289 -5.41 -11.43 27.60
C TYR N 289 -6.66 -12.06 28.19
N GLY N 290 -6.69 -12.14 29.52
CA GLY N 290 -7.84 -12.72 30.20
C GLY N 290 -7.96 -14.22 30.05
N GLY N 291 -6.84 -14.93 29.95
CA GLY N 291 -6.85 -16.37 29.97
C GLY N 291 -7.04 -17.03 28.61
N GLY N 292 -7.04 -16.26 27.53
CA GLY N 292 -7.05 -16.87 26.21
C GLY N 292 -5.72 -17.56 25.91
N GLY N 293 -5.82 -18.73 25.29
CA GLY N 293 -4.63 -19.48 24.95
C GLY N 293 -4.02 -19.06 23.62
N GLN N 294 -2.75 -19.41 23.44
CA GLN N 294 -2.06 -19.26 22.16
C GLN N 294 -1.67 -20.65 21.67
N TYR N 295 -2.11 -20.99 20.47
CA TYR N 295 -1.99 -22.36 19.95
C TYR N 295 -1.40 -22.34 18.55
N PHE N 296 -0.34 -23.11 18.35
CA PHE N 296 0.24 -23.36 17.04
C PHE N 296 0.10 -24.84 16.71
N ALA N 297 -0.48 -25.14 15.56
CA ALA N 297 -0.70 -26.51 15.14
C ALA N 297 -0.42 -26.69 13.66
N GLY O 241 36.22 3.83 10.89
CA GLY O 241 35.00 3.19 10.46
C GLY O 241 35.22 1.79 9.91
N ASP O 242 34.17 0.98 9.93
CA ASP O 242 34.21 -0.33 9.32
C ASP O 242 33.82 -0.27 7.84
N GLY O 243 34.36 -1.20 7.06
CA GLY O 243 34.17 -1.22 5.63
C GLY O 243 33.54 -2.53 5.18
N TYR O 244 33.12 -2.54 3.91
CA TYR O 244 32.58 -3.75 3.31
C TYR O 244 32.72 -3.65 1.80
N ASN O 245 33.48 -4.57 1.20
CA ASN O 245 33.82 -4.53 -0.21
C ASN O 245 33.34 -5.79 -0.91
N GLY O 246 32.11 -6.21 -0.61
CA GLY O 246 31.61 -7.49 -1.06
C GLY O 246 31.16 -7.45 -2.52
N PHE O 247 31.66 -8.40 -3.31
CA PHE O 247 31.29 -8.53 -4.71
C PHE O 247 30.32 -9.70 -4.87
N GLY O 248 29.18 -9.43 -5.51
CA GLY O 248 28.15 -10.45 -5.66
C GLY O 248 27.47 -10.90 -4.38
N ASN O 249 26.55 -10.08 -3.87
CA ASN O 249 25.79 -10.38 -2.67
C ASN O 249 24.40 -10.84 -3.08
N ASP O 250 24.04 -12.07 -2.72
CA ASP O 250 22.88 -12.69 -3.35
C ASP O 250 21.62 -12.52 -2.50
N GLY O 251 21.45 -13.33 -1.47
CA GLY O 251 20.28 -13.20 -0.60
C GLY O 251 18.91 -13.32 -1.24
N SER O 252 18.85 -13.84 -2.47
CA SER O 252 17.63 -13.84 -3.26
C SER O 252 16.81 -15.12 -3.10
N ASN O 253 15.63 -15.11 -3.73
CA ASN O 253 14.75 -16.27 -3.93
C ASN O 253 14.57 -17.09 -2.64
N PHE O 254 14.33 -16.37 -1.55
CA PHE O 254 14.30 -16.89 -0.18
C PHE O 254 13.63 -18.26 -0.02
N GLY O 255 12.44 -18.45 -0.58
CA GLY O 255 11.71 -19.69 -0.33
C GLY O 255 12.37 -20.96 -0.84
N GLY O 256 13.41 -20.85 -1.67
CA GLY O 256 14.12 -22.02 -2.14
C GLY O 256 13.61 -22.63 -3.42
N GLY O 257 12.39 -22.31 -3.83
CA GLY O 257 11.81 -22.86 -5.04
C GLY O 257 11.01 -24.12 -4.86
N GLY O 258 10.92 -24.65 -3.64
CA GLY O 258 9.97 -25.72 -3.38
C GLY O 258 8.54 -25.22 -3.36
N SER O 259 7.62 -26.12 -3.73
CA SER O 259 6.19 -25.84 -3.71
C SER O 259 5.59 -26.28 -2.39
N TYR O 260 4.37 -25.79 -2.13
CA TYR O 260 3.60 -26.15 -0.94
C TYR O 260 4.32 -25.83 0.37
N ASN O 261 5.33 -24.95 0.34
CA ASN O 261 5.97 -24.53 1.58
C ASN O 261 5.06 -23.58 2.36
N ASP O 262 5.09 -23.72 3.68
CA ASP O 262 4.34 -22.88 4.60
C ASP O 262 5.31 -22.02 5.39
N PHE O 263 5.13 -20.71 5.33
CA PHE O 263 6.02 -19.77 5.98
C PHE O 263 5.40 -19.40 7.33
N GLY O 264 6.22 -19.39 8.37
CA GLY O 264 5.67 -19.31 9.70
C GLY O 264 5.16 -17.93 10.05
N ASN O 265 4.86 -17.77 11.34
CA ASN O 265 4.28 -16.55 11.88
C ASN O 265 5.33 -15.76 12.67
N TYR O 266 5.30 -14.45 12.53
CA TYR O 266 6.18 -13.53 13.27
C TYR O 266 7.66 -13.71 12.97
N ASN O 267 8.02 -14.41 11.91
CA ASN O 267 9.44 -14.56 11.60
C ASN O 267 10.04 -13.24 11.14
N ASN O 268 11.37 -13.17 11.22
CA ASN O 268 12.15 -12.22 10.44
C ASN O 268 12.75 -12.96 9.24
N GLN O 269 12.46 -12.46 8.05
CA GLN O 269 12.89 -13.10 6.80
C GLN O 269 13.43 -12.08 5.82
N SER O 270 13.86 -10.91 6.31
CA SER O 270 14.31 -9.82 5.47
C SER O 270 15.72 -10.06 4.93
N SER O 271 16.02 -9.40 3.82
CA SER O 271 17.36 -9.35 3.27
C SER O 271 17.86 -7.91 3.32
N ASN O 272 18.92 -7.68 4.08
CA ASN O 272 19.35 -6.35 4.47
C ASN O 272 20.77 -6.09 3.97
N PHE O 273 20.96 -4.94 3.32
CA PHE O 273 22.23 -4.59 2.72
C PHE O 273 22.63 -3.19 3.15
N GLY O 274 23.86 -3.03 3.63
CA GLY O 274 24.38 -1.74 4.02
C GLY O 274 24.52 -1.61 5.51
N PRO O 275 25.16 -0.53 5.95
CA PRO O 275 25.46 -0.34 7.38
C PRO O 275 24.21 -0.48 8.25
N MET O 276 24.32 -1.30 9.29
CA MET O 276 23.19 -1.57 10.19
C MET O 276 23.60 -1.24 11.62
N LYS O 277 22.74 -0.51 12.32
CA LYS O 277 22.95 -0.20 13.72
C LYS O 277 21.67 -0.51 14.49
N GLY O 278 21.82 -1.20 15.63
CA GLY O 278 20.70 -1.61 16.45
C GLY O 278 20.46 -3.10 16.49
N GLY O 279 21.13 -3.87 15.64
CA GLY O 279 21.09 -5.31 15.70
C GLY O 279 19.89 -5.92 14.98
N ASN O 280 19.98 -7.23 14.79
CA ASN O 280 18.98 -7.99 14.06
C ASN O 280 18.32 -8.99 15.00
N PHE O 281 16.99 -9.05 14.96
CA PHE O 281 16.23 -9.85 15.93
C PHE O 281 15.25 -10.75 15.20
N GLY O 282 14.81 -11.78 15.92
CA GLY O 282 13.69 -12.60 15.50
C GLY O 282 12.38 -12.03 15.96
N GLY O 283 11.38 -12.89 16.06
CA GLY O 283 10.12 -12.50 16.65
C GLY O 283 10.25 -12.27 18.14
N ARG O 284 9.29 -11.53 18.68
CA ARG O 284 9.19 -11.28 20.10
C ARG O 284 7.81 -11.69 20.59
N SER O 285 7.75 -12.28 21.78
CA SER O 285 6.49 -12.72 22.35
C SER O 285 6.42 -12.30 23.81
N SER O 286 5.27 -11.76 24.21
CA SER O 286 4.85 -11.74 25.60
C SER O 286 3.72 -12.75 25.75
N GLY O 287 3.93 -13.75 26.61
CA GLY O 287 3.03 -14.87 26.69
C GLY O 287 1.67 -14.47 27.21
N PRO O 288 0.68 -15.32 26.97
CA PRO O 288 -0.70 -15.00 27.37
C PRO O 288 -0.80 -14.62 28.84
N TYR O 289 -1.62 -13.62 29.12
CA TYR O 289 -1.78 -13.08 30.46
C TYR O 289 -3.03 -13.67 31.12
N GLY O 290 -2.99 -13.76 32.44
CA GLY O 290 -4.13 -14.28 33.17
C GLY O 290 -4.30 -15.78 33.06
N GLY O 291 -3.20 -16.53 33.02
CA GLY O 291 -3.25 -17.97 33.11
C GLY O 291 -3.54 -18.68 31.81
N GLY O 292 -3.58 -17.98 30.69
CA GLY O 292 -3.61 -18.65 29.40
C GLY O 292 -2.28 -19.31 29.10
N GLY O 293 -2.35 -20.49 28.49
CA GLY O 293 -1.16 -21.24 28.14
C GLY O 293 -0.69 -20.96 26.72
N GLN O 294 0.58 -21.26 26.49
CA GLN O 294 1.18 -21.17 25.16
C GLN O 294 1.58 -22.57 24.72
N TYR O 295 1.09 -22.99 23.55
CA TYR O 295 1.18 -24.37 23.11
C TYR O 295 1.73 -24.44 21.69
N PHE O 296 2.75 -25.27 21.50
CA PHE O 296 3.25 -25.64 20.18
C PHE O 296 3.03 -27.13 19.96
N ALA O 297 2.44 -27.47 18.83
CA ALA O 297 2.16 -28.87 18.52
C ALA O 297 2.63 -29.23 17.12
N GLY P 241 39.31 0.26 12.77
CA GLY P 241 38.23 -0.20 11.93
C GLY P 241 38.50 -1.55 11.30
N ASP P 242 37.44 -2.26 10.94
CA ASP P 242 37.53 -3.63 10.46
C ASP P 242 36.99 -3.72 9.04
N GLY P 243 37.58 -4.61 8.24
CA GLY P 243 37.34 -4.68 6.82
C GLY P 243 36.70 -6.01 6.43
N TYR P 244 36.23 -6.06 5.19
CA TYR P 244 35.66 -7.29 4.65
C TYR P 244 35.75 -7.23 3.14
N ASN P 245 36.46 -8.20 2.55
CA ASN P 245 36.75 -8.23 1.12
C ASN P 245 36.20 -9.49 0.48
N GLY P 246 35.05 -9.95 0.95
CA GLY P 246 34.54 -11.25 0.54
C GLY P 246 33.99 -11.24 -0.87
N PHE P 247 34.40 -12.22 -1.67
CA PHE P 247 33.92 -12.41 -3.03
C PHE P 247 32.92 -13.56 -3.06
N GLY P 248 31.74 -13.30 -3.61
CA GLY P 248 30.72 -14.33 -3.71
C GLY P 248 30.01 -14.66 -2.41
N ASN P 249 29.20 -13.73 -1.92
CA ASN P 249 28.52 -13.84 -0.63
C ASN P 249 27.09 -14.31 -0.89
N ASP P 250 26.89 -15.62 -0.88
CA ASP P 250 25.65 -16.20 -1.42
C ASP P 250 24.49 -16.00 -0.46
N GLY P 251 24.33 -16.89 0.53
CA GLY P 251 23.23 -16.72 1.47
C GLY P 251 21.83 -16.75 0.88
N SER P 252 21.67 -17.26 -0.33
CA SER P 252 20.39 -17.25 -1.04
C SER P 252 19.54 -18.49 -0.77
N ASN P 253 18.31 -18.43 -1.26
CA ASN P 253 17.38 -19.56 -1.37
C ASN P 253 17.24 -20.33 -0.06
N PHE P 254 17.09 -19.56 1.01
CA PHE P 254 17.00 -20.06 2.39
C PHE P 254 16.26 -21.38 2.56
N GLY P 255 15.06 -21.50 2.00
CA GLY P 255 14.24 -22.68 2.27
C GLY P 255 14.85 -24.00 1.82
N GLY P 256 15.87 -23.97 0.97
CA GLY P 256 16.58 -25.17 0.60
C GLY P 256 16.07 -25.87 -0.63
N GLY P 257 14.87 -25.54 -1.10
CA GLY P 257 14.30 -26.16 -2.27
C GLY P 257 13.49 -27.42 -2.01
N GLY P 258 13.40 -27.87 -0.76
CA GLY P 258 12.43 -28.87 -0.41
C GLY P 258 11.01 -28.33 -0.41
N SER P 259 10.06 -29.26 -0.56
CA SER P 259 8.64 -28.94 -0.55
C SER P 259 8.01 -29.34 0.78
N TYR P 260 6.81 -28.81 1.03
CA TYR P 260 6.01 -29.09 2.22
C TYR P 260 6.73 -28.71 3.52
N ASN P 261 7.75 -27.87 3.46
CA ASN P 261 8.41 -27.43 4.68
C ASN P 261 7.56 -26.40 5.42
N ASP P 262 7.76 -26.33 6.74
CA ASP P 262 7.18 -25.27 7.58
C ASP P 262 8.32 -24.43 8.14
N PHE P 263 8.39 -23.18 7.71
CA PHE P 263 9.41 -22.23 8.20
C PHE P 263 8.91 -21.60 9.50
N GLY P 264 8.89 -22.42 10.56
CA GLY P 264 8.15 -22.14 11.78
C GLY P 264 8.33 -20.80 12.47
N ASN P 265 7.63 -20.65 13.59
CA ASN P 265 7.28 -19.36 14.17
C ASN P 265 8.47 -18.66 14.84
N TYR P 266 8.37 -17.33 14.92
CA TYR P 266 9.27 -16.44 15.65
C TYR P 266 10.75 -16.56 15.26
N ASN P 267 11.09 -17.30 14.22
CA ASN P 267 12.50 -17.46 13.90
C ASN P 267 13.07 -16.16 13.35
N ASN P 268 14.39 -16.00 13.50
CA ASN P 268 15.15 -15.04 12.72
C ASN P 268 15.79 -15.78 11.53
N GLN P 269 15.37 -15.40 10.32
CA GLN P 269 15.81 -16.05 9.09
C GLN P 269 16.40 -15.05 8.10
N SER P 270 16.79 -13.87 8.58
CA SER P 270 17.28 -12.82 7.69
C SER P 270 18.64 -13.17 7.11
N SER P 271 18.95 -12.53 5.98
CA SER P 271 20.27 -12.54 5.38
C SER P 271 20.83 -11.12 5.39
N ASN P 272 21.91 -10.91 6.11
CA ASN P 272 22.40 -9.57 6.41
C ASN P 272 23.78 -9.38 5.81
N PHE P 273 23.97 -8.25 5.12
CA PHE P 273 25.22 -7.94 4.43
C PHE P 273 25.66 -6.54 4.81
N GLY P 274 26.93 -6.38 5.14
CA GLY P 274 27.47 -5.08 5.48
C GLY P 274 27.78 -4.95 6.96
N PRO P 275 28.40 -3.85 7.36
CA PRO P 275 28.82 -3.69 8.75
C PRO P 275 27.62 -3.62 9.69
N MET P 276 27.70 -4.36 10.80
CA MET P 276 26.57 -4.54 11.70
C MET P 276 27.00 -4.20 13.13
N LYS P 277 26.16 -3.46 13.83
CA LYS P 277 26.38 -3.14 15.23
C LYS P 277 25.10 -3.38 16.02
N GLY P 278 25.25 -3.96 17.19
CA GLY P 278 24.13 -4.29 18.07
C GLY P 278 23.87 -5.77 18.22
N GLY P 279 24.54 -6.62 17.44
CA GLY P 279 24.44 -8.05 17.60
C GLY P 279 23.23 -8.66 16.90
N ASN P 280 23.32 -9.97 16.67
CA ASN P 280 22.29 -10.74 16.00
C ASN P 280 21.67 -11.70 17.00
N PHE P 281 20.34 -11.70 17.09
CA PHE P 281 19.64 -12.47 18.10
C PHE P 281 18.62 -13.39 17.44
N GLY P 282 18.28 -14.45 18.16
CA GLY P 282 17.11 -15.26 17.87
C GLY P 282 15.84 -14.59 18.34
N GLY P 283 14.79 -15.38 18.40
CA GLY P 283 13.54 -14.88 18.97
C GLY P 283 13.61 -14.77 20.48
N ARG P 284 12.67 -14.01 21.02
CA ARG P 284 12.59 -13.77 22.46
C ARG P 284 11.19 -14.11 22.94
N SER P 285 11.11 -14.74 24.11
CA SER P 285 9.83 -14.98 24.76
C SER P 285 9.90 -14.52 26.22
N SER P 286 8.95 -13.68 26.62
CA SER P 286 8.55 -13.56 28.01
C SER P 286 7.41 -14.53 28.26
N GLY P 287 7.70 -15.62 28.97
CA GLY P 287 6.77 -16.71 29.08
C GLY P 287 5.48 -16.34 29.79
N PRO P 288 4.47 -17.19 29.66
CA PRO P 288 3.11 -16.81 30.08
C PRO P 288 3.05 -16.42 31.55
N TYR P 289 2.10 -15.56 31.87
CA TYR P 289 2.01 -14.92 33.17
C TYR P 289 0.77 -15.42 33.90
N GLY P 290 0.85 -15.46 35.22
CA GLY P 290 -0.28 -15.89 36.03
C GLY P 290 -0.54 -17.37 35.98
N GLY P 291 0.51 -18.18 35.90
CA GLY P 291 0.38 -19.62 36.05
C GLY P 291 0.12 -20.37 34.78
N GLY P 292 0.04 -19.70 33.64
CA GLY P 292 -0.02 -20.40 32.37
C GLY P 292 1.29 -21.09 32.04
N GLY P 293 1.19 -22.32 31.55
CA GLY P 293 2.36 -23.07 31.17
C GLY P 293 2.80 -22.79 29.74
N GLN P 294 4.04 -23.16 29.44
CA GLN P 294 4.58 -23.14 28.10
C GLN P 294 4.89 -24.57 27.68
N TYR P 295 4.35 -24.98 26.54
CA TYR P 295 4.35 -26.38 26.13
C TYR P 295 4.87 -26.53 24.71
N PHE P 296 5.77 -27.48 24.52
CA PHE P 296 6.25 -27.89 23.21
C PHE P 296 5.96 -29.37 22.99
N ALA P 297 5.57 -29.72 21.78
CA ALA P 297 5.33 -31.12 21.42
C ALA P 297 5.67 -31.37 19.97
N GLY Q 241 42.98 -2.73 12.11
CA GLY Q 241 42.09 -3.63 12.82
C GLY Q 241 42.09 -5.03 12.24
N ASP Q 242 40.98 -5.73 12.44
CA ASP Q 242 40.81 -7.08 11.92
C ASP Q 242 40.28 -7.05 10.49
N GLY Q 243 40.57 -8.12 9.74
CA GLY Q 243 40.30 -8.15 8.32
C GLY Q 243 39.82 -9.53 7.90
N TYR Q 244 39.27 -9.59 6.69
CA TYR Q 244 38.68 -10.83 6.20
C TYR Q 244 38.74 -10.84 4.68
N ASN Q 245 39.42 -11.84 4.11
CA ASN Q 245 39.64 -11.93 2.68
C ASN Q 245 39.05 -13.22 2.13
N GLY Q 246 37.85 -13.57 2.58
CA GLY Q 246 37.26 -14.86 2.22
C GLY Q 246 36.76 -14.88 0.78
N PHE Q 247 37.15 -15.92 0.04
CA PHE Q 247 36.73 -16.11 -1.34
C PHE Q 247 35.70 -17.23 -1.38
N GLY Q 248 34.50 -16.93 -1.90
CA GLY Q 248 33.42 -17.89 -1.90
C GLY Q 248 32.85 -18.23 -0.54
N ASN Q 249 31.89 -17.43 -0.07
CA ASN Q 249 31.43 -17.48 1.30
C ASN Q 249 30.09 -18.18 1.47
N ASP Q 250 29.54 -18.75 0.40
CA ASP Q 250 28.35 -19.60 0.37
C ASP Q 250 27.32 -19.27 1.45
N GLY Q 251 27.21 -20.11 2.48
CA GLY Q 251 26.19 -19.90 3.50
C GLY Q 251 24.75 -20.01 3.02
N SER Q 252 24.53 -20.63 1.86
CA SER Q 252 23.23 -20.62 1.20
C SER Q 252 22.35 -21.81 1.57
N ASN Q 253 21.10 -21.73 1.09
CA ASN Q 253 20.11 -22.82 1.06
C ASN Q 253 19.98 -23.57 2.39
N PHE Q 254 19.87 -22.78 3.46
CA PHE Q 254 19.76 -23.23 4.84
C PHE Q 254 19.00 -24.53 5.10
N GLY Q 255 17.80 -24.66 4.55
CA GLY Q 255 16.96 -25.81 4.87
C GLY Q 255 17.54 -27.17 4.52
N GLY Q 256 18.53 -27.22 3.64
CA GLY Q 256 19.20 -28.46 3.32
C GLY Q 256 18.66 -29.20 2.12
N GLY Q 257 17.46 -28.87 1.66
CA GLY Q 257 16.84 -29.55 0.55
C GLY Q 257 15.96 -30.72 0.91
N GLY Q 258 15.83 -31.05 2.19
CA GLY Q 258 14.85 -32.04 2.60
C GLY Q 258 13.44 -31.51 2.57
N SER Q 259 12.50 -32.40 2.31
CA SER Q 259 11.08 -32.09 2.34
C SER Q 259 10.47 -32.42 3.70
N TYR Q 260 9.29 -31.89 3.96
CA TYR Q 260 8.53 -32.10 5.19
C TYR Q 260 9.29 -31.68 6.44
N ASN Q 261 10.35 -30.90 6.30
CA ASN Q 261 11.06 -30.40 7.47
C ASN Q 261 10.23 -29.34 8.19
N ASP Q 262 10.49 -29.19 9.48
CA ASP Q 262 9.71 -28.32 10.36
C ASP Q 262 10.67 -27.43 11.14
N PHE Q 263 10.85 -26.20 10.67
CA PHE Q 263 11.81 -25.31 11.33
C PHE Q 263 11.21 -24.84 12.65
N GLY Q 264 12.08 -24.47 13.58
CA GLY Q 264 11.70 -24.40 14.98
C GLY Q 264 11.02 -23.10 15.39
N ASN Q 265 11.16 -22.77 16.67
CA ASN Q 265 10.65 -21.54 17.24
C ASN Q 265 11.75 -20.76 17.92
N TYR Q 266 11.73 -19.44 17.74
CA TYR Q 266 12.67 -18.51 18.34
C TYR Q 266 14.13 -18.77 17.98
N ASN Q 267 14.40 -19.58 16.96
CA ASN Q 267 15.79 -19.82 16.59
C ASN Q 267 16.40 -18.56 15.96
N ASN Q 268 17.72 -18.49 16.01
CA ASN Q 268 18.49 -17.62 15.12
C ASN Q 268 19.01 -18.46 13.97
N GLN Q 269 18.52 -18.19 12.76
CA GLN Q 269 18.87 -18.95 11.57
C GLN Q 269 19.51 -18.07 10.51
N SER Q 270 19.93 -16.86 10.86
CA SER Q 270 20.38 -15.87 9.90
C SER Q 270 21.73 -16.25 9.29
N SER Q 271 21.97 -15.73 8.09
CA SER Q 271 23.29 -15.74 7.47
C SER Q 271 23.79 -14.30 7.41
N ASN Q 272 24.95 -14.05 8.02
CA ASN Q 272 25.43 -12.69 8.23
C ASN Q 272 26.84 -12.55 7.66
N PHE Q 273 27.04 -11.50 6.87
CA PHE Q 273 28.31 -11.27 6.17
C PHE Q 273 28.78 -9.85 6.46
N GLY Q 274 30.06 -9.71 6.82
CA GLY Q 274 30.62 -8.43 7.13
C GLY Q 274 30.83 -8.24 8.61
N PRO Q 275 31.57 -7.19 8.99
CA PRO Q 275 32.05 -7.09 10.37
C PRO Q 275 30.91 -6.85 11.36
N MET Q 276 30.89 -7.65 12.43
CA MET Q 276 29.77 -7.71 13.37
C MET Q 276 30.25 -7.33 14.75
N LYS Q 277 29.50 -6.46 15.42
CA LYS Q 277 29.80 -6.05 16.78
C LYS Q 277 28.56 -6.24 17.65
N GLY Q 278 28.79 -6.78 18.85
CA GLY Q 278 27.72 -7.07 19.80
C GLY Q 278 27.38 -8.53 19.97
N GLY Q 279 28.01 -9.42 19.21
CA GLY Q 279 27.87 -10.85 19.42
C GLY Q 279 26.67 -11.46 18.72
N ASN Q 280 26.74 -12.78 18.59
CA ASN Q 280 25.69 -13.59 17.96
C ASN Q 280 25.06 -14.49 19.01
N PHE Q 281 23.74 -14.47 19.11
CA PHE Q 281 23.04 -15.18 20.18
C PHE Q 281 22.01 -16.12 19.59
N GLY Q 282 21.62 -17.10 20.38
CA GLY Q 282 20.42 -17.89 20.13
C GLY Q 282 19.17 -17.16 20.56
N GLY Q 283 18.10 -17.93 20.75
CA GLY Q 283 16.91 -17.39 21.34
C GLY Q 283 17.03 -17.19 22.83
N ARG Q 284 16.11 -16.42 23.39
CA ARG Q 284 16.08 -16.15 24.82
C ARG Q 284 14.70 -16.45 25.36
N SER Q 285 14.63 -17.07 26.54
CA SER Q 285 13.38 -17.28 27.23
C SER Q 285 13.47 -16.74 28.65
N SER Q 286 12.49 -15.93 29.03
CA SER Q 286 12.17 -15.68 30.43
C SER Q 286 10.99 -16.56 30.81
N GLY Q 287 11.26 -17.62 31.57
CA GLY Q 287 10.31 -18.69 31.74
C GLY Q 287 9.04 -18.28 32.44
N PRO Q 288 8.00 -19.11 32.33
CA PRO Q 288 6.66 -18.71 32.77
C PRO Q 288 6.63 -18.26 34.22
N TYR Q 289 5.78 -17.29 34.50
CA TYR Q 289 5.69 -16.66 35.81
C TYR Q 289 4.46 -17.18 36.55
N GLY Q 290 4.48 -16.99 37.87
CA GLY Q 290 3.36 -17.40 38.69
C GLY Q 290 3.19 -18.90 38.78
N GLY Q 291 4.28 -19.66 38.66
CA GLY Q 291 4.25 -21.09 38.84
C GLY Q 291 3.87 -21.89 37.62
N GLY Q 292 3.78 -21.25 36.45
CA GLY Q 292 3.62 -22.00 35.21
C GLY Q 292 4.85 -22.83 34.89
N GLY Q 293 4.62 -24.06 34.45
CA GLY Q 293 5.70 -24.94 34.10
C GLY Q 293 6.17 -24.76 32.67
N GLN Q 294 7.40 -25.21 32.41
CA GLN Q 294 7.97 -25.23 31.07
C GLN Q 294 8.27 -26.67 30.68
N TYR Q 295 7.71 -27.10 29.55
CA TYR Q 295 7.71 -28.51 29.18
C TYR Q 295 8.16 -28.66 27.74
N PHE Q 296 9.14 -29.54 27.53
CA PHE Q 296 9.55 -29.98 26.20
C PHE Q 296 9.27 -31.47 26.08
N ALA Q 297 8.32 -31.83 25.22
CA ALA Q 297 7.91 -33.22 25.06
C ALA Q 297 8.76 -33.92 24.01
N GLY R 241 46.28 -6.47 14.69
CA GLY R 241 45.10 -6.90 13.96
C GLY R 241 45.20 -8.33 13.46
N ASP R 242 44.13 -9.10 13.66
CA ASP R 242 44.06 -10.46 13.20
C ASP R 242 43.49 -10.52 11.79
N GLY R 243 43.84 -11.58 11.06
CA GLY R 243 43.50 -11.71 9.67
C GLY R 243 42.84 -13.04 9.39
N TYR R 244 42.29 -13.16 8.18
CA TYR R 244 41.64 -14.41 7.76
C TYR R 244 41.67 -14.48 6.25
N ASN R 245 42.36 -15.47 5.71
CA ASN R 245 42.57 -15.61 4.27
C ASN R 245 41.97 -16.91 3.76
N GLY R 246 40.75 -17.20 4.19
CA GLY R 246 40.13 -18.49 3.92
C GLY R 246 39.57 -18.57 2.52
N PHE R 247 39.95 -19.62 1.79
CA PHE R 247 39.47 -19.86 0.43
C PHE R 247 38.42 -20.96 0.46
N GLY R 248 37.22 -20.65 -0.02
CA GLY R 248 36.11 -21.57 0.04
C GLY R 248 35.54 -21.83 1.42
N ASN R 249 34.65 -20.95 1.86
CA ASN R 249 34.02 -21.03 3.18
C ASN R 249 32.56 -21.41 2.97
N ASP R 250 32.17 -22.58 3.49
CA ASP R 250 30.93 -23.20 3.01
C ASP R 250 29.76 -22.86 3.92
N GLY R 251 29.64 -23.54 5.06
CA GLY R 251 28.56 -23.23 6.00
C GLY R 251 27.14 -23.33 5.47
N SER R 252 26.95 -23.98 4.33
CA SER R 252 25.67 -23.99 3.63
C SER R 252 24.81 -25.21 4.00
N ASN R 253 23.59 -25.21 3.48
CA ASN R 253 22.64 -26.33 3.51
C ASN R 253 22.54 -26.98 4.89
N PHE R 254 22.42 -26.10 5.90
CA PHE R 254 22.44 -26.47 7.31
C PHE R 254 21.70 -27.76 7.67
N GLY R 255 20.46 -27.91 7.21
CA GLY R 255 19.68 -29.07 7.60
C GLY R 255 20.24 -30.43 7.19
N GLY R 256 21.20 -30.47 6.28
CA GLY R 256 21.84 -31.70 5.89
C GLY R 256 21.15 -32.44 4.75
N GLY R 257 19.88 -32.11 4.47
CA GLY R 257 19.15 -32.76 3.39
C GLY R 257 18.29 -33.94 3.79
N GLY R 258 18.24 -34.28 5.08
CA GLY R 258 17.26 -35.23 5.55
C GLY R 258 15.85 -34.64 5.57
N SER R 259 14.87 -35.51 5.41
CA SER R 259 13.47 -35.16 5.48
C SER R 259 12.93 -35.41 6.89
N TYR R 260 11.78 -34.81 7.19
CA TYR R 260 11.12 -34.95 8.48
C TYR R 260 12.01 -34.53 9.66
N ASN R 261 13.07 -33.77 9.41
CA ASN R 261 13.87 -33.24 10.50
C ASN R 261 13.12 -32.16 11.25
N ASP R 262 13.26 -32.18 12.57
CA ASP R 262 12.64 -31.22 13.48
C ASP R 262 13.72 -30.34 14.08
N PHE R 263 13.59 -29.03 13.88
CA PHE R 263 14.56 -28.05 14.34
C PHE R 263 14.01 -27.48 15.64
N GLY R 264 14.77 -27.58 16.71
CA GLY R 264 14.25 -27.22 18.02
C GLY R 264 14.18 -25.73 18.25
N ASN R 265 14.20 -25.35 19.52
CA ASN R 265 13.79 -24.02 19.94
C ASN R 265 14.98 -23.24 20.51
N TYR R 266 14.98 -21.93 20.27
CA TYR R 266 15.97 -21.00 20.80
C TYR R 266 17.41 -21.30 20.37
N ASN R 267 17.62 -22.16 19.39
CA ASN R 267 18.98 -22.46 18.96
C ASN R 267 19.60 -21.27 18.25
N ASN R 268 20.93 -21.18 18.31
CA ASN R 268 21.71 -20.35 17.40
C ASN R 268 22.19 -21.20 16.24
N GLN R 269 21.49 -21.14 15.12
CA GLN R 269 21.82 -21.88 13.91
C GLN R 269 22.38 -20.97 12.81
N SER R 270 22.84 -19.79 13.17
CA SER R 270 23.31 -18.81 12.20
C SER R 270 24.61 -19.24 11.53
N SER R 271 24.86 -18.66 10.36
CA SER R 271 26.15 -18.75 9.68
C SER R 271 26.74 -17.36 9.58
N ASN R 272 27.91 -17.15 10.19
CA ASN R 272 28.48 -15.83 10.36
C ASN R 272 29.84 -15.76 9.68
N PHE R 273 30.06 -14.71 8.88
CA PHE R 273 31.28 -14.53 8.11
C PHE R 273 31.82 -13.12 8.33
N GLY R 274 33.11 -13.02 8.61
CA GLY R 274 33.73 -11.74 8.85
C GLY R 274 34.04 -11.48 10.30
N PRO R 275 34.78 -10.41 10.58
CA PRO R 275 35.20 -10.11 11.96
C PRO R 275 34.03 -10.07 12.92
N MET R 276 34.21 -10.66 14.10
CA MET R 276 33.16 -10.78 15.10
C MET R 276 33.70 -10.34 16.46
N LYS R 277 32.92 -9.52 17.15
CA LYS R 277 33.28 -9.05 18.49
C LYS R 277 32.06 -9.13 19.40
N GLY R 278 32.28 -9.65 20.61
CA GLY R 278 31.21 -9.92 21.55
C GLY R 278 30.92 -11.39 21.74
N GLY R 279 31.47 -12.27 20.91
CA GLY R 279 31.36 -13.69 21.10
C GLY R 279 30.07 -14.30 20.60
N ASN R 280 30.08 -15.63 20.49
CA ASN R 280 28.97 -16.40 19.96
C ASN R 280 28.35 -17.23 21.08
N PHE R 281 27.03 -17.20 21.19
CA PHE R 281 26.33 -17.84 22.29
C PHE R 281 25.24 -18.76 21.76
N GLY R 282 24.85 -19.71 22.60
CA GLY R 282 23.63 -20.47 22.39
C GLY R 282 22.40 -19.71 22.85
N GLY R 283 21.33 -20.45 23.10
CA GLY R 283 20.17 -19.87 23.72
C GLY R 283 20.36 -19.64 25.20
N ARG R 284 19.55 -18.72 25.73
CA ARG R 284 19.56 -18.40 27.15
C ARG R 284 18.20 -18.68 27.75
N SER R 285 18.19 -19.19 28.98
CA SER R 285 16.96 -19.41 29.72
C SER R 285 17.07 -18.79 31.10
N SER R 286 16.01 -18.10 31.52
CA SER R 286 15.71 -17.91 32.93
C SER R 286 14.54 -18.80 33.30
N GLY R 287 14.78 -19.74 34.22
CA GLY R 287 13.81 -20.76 34.52
C GLY R 287 12.54 -20.18 35.12
N PRO R 288 11.46 -20.96 35.10
CA PRO R 288 10.17 -20.47 35.57
C PRO R 288 10.23 -19.96 37.00
N TYR R 289 9.33 -19.04 37.31
CA TYR R 289 9.34 -18.32 38.57
C TYR R 289 8.12 -18.72 39.40
N GLY R 290 8.27 -18.64 40.71
CA GLY R 290 7.17 -19.00 41.60
C GLY R 290 6.92 -20.49 41.69
N GLY R 291 7.97 -21.30 41.61
CA GLY R 291 7.86 -22.72 41.85
C GLY R 291 7.46 -23.54 40.65
N GLY R 292 7.40 -22.95 39.46
CA GLY R 292 7.22 -23.74 38.26
C GLY R 292 8.46 -24.56 37.94
N GLY R 293 8.24 -25.80 37.49
CA GLY R 293 9.33 -26.66 37.11
C GLY R 293 9.69 -26.54 35.64
N GLN R 294 10.92 -26.97 35.34
CA GLN R 294 11.40 -27.04 33.96
C GLN R 294 11.67 -28.50 33.63
N TYR R 295 11.07 -28.99 32.55
CA TYR R 295 11.04 -30.42 32.24
C TYR R 295 11.47 -30.65 30.80
N PHE R 296 12.39 -31.59 30.62
CA PHE R 296 12.75 -32.13 29.32
C PHE R 296 12.42 -33.61 29.28
N ALA R 297 11.83 -34.05 28.17
CA ALA R 297 11.51 -35.46 27.99
C ALA R 297 11.58 -35.85 26.52
N GLY S 241 49.47 -9.87 15.99
CA GLY S 241 48.33 -10.33 15.23
C GLY S 241 48.46 -11.76 14.75
N ASP S 242 47.32 -12.45 14.66
CA ASP S 242 47.29 -13.87 14.35
C ASP S 242 46.65 -14.09 12.99
N GLY S 243 47.19 -15.07 12.26
CA GLY S 243 46.80 -15.31 10.88
C GLY S 243 45.95 -16.56 10.75
N TYR S 244 45.40 -16.73 9.55
CA TYR S 244 44.68 -17.96 9.21
C TYR S 244 44.62 -18.09 7.71
N ASN S 245 45.24 -19.14 7.16
CA ASN S 245 45.38 -19.33 5.73
C ASN S 245 44.68 -20.61 5.29
N GLY S 246 43.55 -20.93 5.92
CA GLY S 246 42.92 -22.22 5.70
C GLY S 246 42.28 -22.32 4.32
N PHE S 247 42.51 -23.44 3.65
CA PHE S 247 41.90 -23.75 2.36
C PHE S 247 40.82 -24.81 2.56
N GLY S 248 39.62 -24.55 2.05
CA GLY S 248 38.51 -25.47 2.20
C GLY S 248 37.92 -25.57 3.60
N ASN S 249 37.25 -24.50 4.04
CA ASN S 249 36.68 -24.41 5.38
C ASN S 249 35.20 -24.80 5.29
N ASP S 250 34.91 -26.08 5.54
CA ASP S 250 33.60 -26.63 5.18
C ASP S 250 32.54 -26.23 6.21
N GLY S 251 32.38 -27.01 7.28
CA GLY S 251 31.37 -26.68 8.28
C GLY S 251 29.93 -26.67 7.80
N SER S 252 29.65 -27.28 6.65
CA SER S 252 28.32 -27.29 6.07
C SER S 252 27.50 -28.50 6.48
N ASN S 253 26.24 -28.51 6.02
CA ASN S 253 25.30 -29.65 6.12
C ASN S 253 25.18 -30.20 7.54
N PHE S 254 25.09 -29.27 8.49
CA PHE S 254 25.12 -29.57 9.93
C PHE S 254 24.34 -30.81 10.36
N GLY S 255 23.08 -30.91 9.95
CA GLY S 255 22.25 -32.02 10.40
C GLY S 255 22.74 -33.40 10.01
N GLY S 256 23.70 -33.49 9.09
CA GLY S 256 24.33 -34.74 8.74
C GLY S 256 23.63 -35.55 7.67
N GLY S 257 22.41 -35.21 7.30
CA GLY S 257 21.69 -35.88 6.25
C GLY S 257 20.80 -37.03 6.70
N GLY S 258 20.84 -37.39 7.98
CA GLY S 258 19.83 -38.28 8.52
C GLY S 258 18.46 -37.63 8.61
N SER S 259 17.44 -38.47 8.56
CA SER S 259 16.05 -38.04 8.66
C SER S 259 15.53 -38.26 10.08
N TYR S 260 14.38 -37.65 10.36
CA TYR S 260 13.73 -37.73 11.67
C TYR S 260 14.61 -37.26 12.81
N ASN S 261 15.69 -36.53 12.54
CA ASN S 261 16.50 -35.98 13.61
C ASN S 261 15.77 -34.85 14.32
N ASP S 262 16.05 -34.70 15.60
CA ASP S 262 15.38 -33.73 16.46
C ASP S 262 16.43 -32.84 17.11
N PHE S 263 16.67 -31.67 16.51
CA PHE S 263 17.65 -30.76 17.04
C PHE S 263 17.11 -30.15 18.33
N GLY S 264 17.93 -30.09 19.37
CA GLY S 264 17.45 -29.77 20.69
C GLY S 264 17.19 -28.30 20.92
N ASN S 265 17.28 -27.89 22.18
CA ASN S 265 16.86 -26.57 22.62
C ASN S 265 18.03 -25.78 23.19
N TYR S 266 18.04 -24.47 22.93
CA TYR S 266 19.04 -23.54 23.42
C TYR S 266 20.45 -23.84 22.96
N ASN S 267 20.64 -24.73 21.98
CA ASN S 267 21.98 -25.08 21.56
C ASN S 267 22.62 -23.91 20.82
N ASN S 268 23.96 -23.91 20.81
CA ASN S 268 24.73 -23.17 19.81
C ASN S 268 25.09 -24.13 18.68
N GLN S 269 24.61 -23.81 17.48
CA GLN S 269 24.80 -24.67 16.31
C GLN S 269 25.37 -23.89 15.14
N SER S 270 25.89 -22.70 15.40
CA SER S 270 26.36 -21.80 14.35
C SER S 270 27.63 -22.31 13.69
N SER S 271 27.88 -21.80 12.48
CA SER S 271 29.16 -21.93 11.80
C SER S 271 29.76 -20.53 11.66
N ASN S 272 30.94 -20.34 12.23
CA ASN S 272 31.54 -19.01 12.36
C ASN S 272 32.88 -18.97 11.63
N PHE S 273 33.05 -17.97 10.77
CA PHE S 273 34.25 -17.83 9.96
C PHE S 273 34.80 -16.42 10.12
N GLY S 274 36.09 -16.32 10.40
CA GLY S 274 36.75 -15.05 10.56
C GLY S 274 37.21 -14.79 11.98
N PRO S 275 37.91 -13.68 12.18
CA PRO S 275 38.49 -13.40 13.50
C PRO S 275 37.41 -13.14 14.55
N MET S 276 37.49 -13.86 15.66
CA MET S 276 36.46 -13.84 16.69
C MET S 276 37.05 -13.40 18.02
N LYS S 277 36.35 -12.51 18.71
CA LYS S 277 36.73 -12.07 20.03
C LYS S 277 35.52 -12.10 20.95
N GLY S 278 35.71 -12.59 22.17
CA GLY S 278 34.66 -12.75 23.14
C GLY S 278 34.30 -14.19 23.46
N GLY S 279 34.86 -15.15 22.73
CA GLY S 279 34.66 -16.55 23.02
C GLY S 279 33.37 -17.12 22.46
N ASN S 280 33.30 -18.44 22.45
CA ASN S 280 32.17 -19.21 21.92
C ASN S 280 31.59 -20.03 23.05
N PHE S 281 30.30 -19.87 23.30
CA PHE S 281 29.66 -20.50 24.45
C PHE S 281 28.51 -21.40 24.00
N GLY S 282 28.21 -22.40 24.83
CA GLY S 282 26.97 -23.14 24.72
C GLY S 282 25.77 -22.36 25.22
N GLY S 283 24.68 -23.06 25.49
CA GLY S 283 23.53 -22.42 26.10
C GLY S 283 23.77 -22.08 27.56
N ARG S 284 22.85 -21.28 28.10
CA ARG S 284 22.90 -20.88 29.50
C ARG S 284 21.54 -21.10 30.13
N SER S 285 21.52 -21.59 31.36
CA SER S 285 20.30 -21.65 32.15
C SER S 285 20.55 -21.02 33.51
N SER S 286 19.69 -20.07 33.89
CA SER S 286 19.48 -19.71 35.28
C SER S 286 18.30 -20.52 35.80
N GLY S 287 18.59 -21.56 36.56
CA GLY S 287 17.60 -22.57 36.87
C GLY S 287 16.42 -22.05 37.66
N PRO S 288 15.34 -22.82 37.69
CA PRO S 288 14.06 -22.31 38.18
C PRO S 288 14.15 -21.78 39.61
N TYR S 289 13.27 -20.84 39.92
CA TYR S 289 13.32 -20.07 41.15
C TYR S 289 12.13 -20.42 42.02
N GLY S 290 12.31 -20.28 43.33
CA GLY S 290 11.23 -20.53 44.27
C GLY S 290 10.86 -21.98 44.43
N GLY S 291 11.83 -22.88 44.32
CA GLY S 291 11.60 -24.28 44.60
C GLY S 291 11.18 -25.13 43.42
N GLY S 292 11.21 -24.58 42.20
CA GLY S 292 10.98 -25.39 41.02
C GLY S 292 12.17 -26.27 40.70
N GLY S 293 11.89 -27.53 40.36
CA GLY S 293 12.94 -28.45 39.98
C GLY S 293 13.27 -28.38 38.51
N GLN S 294 14.45 -28.88 38.16
CA GLN S 294 14.89 -29.00 36.78
C GLN S 294 15.10 -30.48 36.46
N TYR S 295 14.38 -30.98 35.45
CA TYR S 295 14.27 -32.41 35.21
C TYR S 295 14.67 -32.74 33.79
N PHE S 296 15.60 -33.67 33.64
CA PHE S 296 16.01 -34.22 32.35
C PHE S 296 15.61 -35.71 32.32
N ALA S 297 14.40 -35.97 31.85
CA ALA S 297 13.88 -37.34 31.82
C ALA S 297 14.53 -38.14 30.71
N GLY T 241 53.28 -13.51 16.96
CA GLY T 241 51.96 -13.79 16.44
C GLY T 241 51.80 -15.20 15.93
N ASP T 242 50.68 -15.83 16.27
CA ASP T 242 50.43 -17.21 15.88
C ASP T 242 49.95 -17.29 14.44
N GLY T 243 50.03 -18.50 13.87
CA GLY T 243 49.61 -18.72 12.51
C GLY T 243 48.95 -20.07 12.36
N TYR T 244 48.34 -20.27 11.18
CA TYR T 244 47.60 -21.49 10.89
C TYR T 244 47.53 -21.67 9.38
N ASN T 245 47.96 -22.84 8.91
CA ASN T 245 48.08 -23.11 7.49
C ASN T 245 47.40 -24.43 7.13
N GLY T 246 46.23 -24.67 7.72
CA GLY T 246 45.54 -25.93 7.51
C GLY T 246 44.91 -26.03 6.13
N PHE T 247 45.02 -27.21 5.54
CA PHE T 247 44.39 -27.52 4.27
C PHE T 247 43.27 -28.53 4.48
N GLY T 248 42.06 -28.20 4.03
CA GLY T 248 40.92 -29.07 4.23
C GLY T 248 40.39 -29.17 5.64
N ASN T 249 39.88 -28.07 6.19
CA ASN T 249 39.56 -27.97 7.60
C ASN T 249 38.23 -28.64 7.98
N ASP T 250 37.42 -29.04 7.00
CA ASP T 250 36.25 -29.89 7.20
C ASP T 250 35.31 -29.39 8.30
N GLY T 251 35.20 -30.12 9.40
CA GLY T 251 34.26 -29.77 10.45
C GLY T 251 32.79 -29.88 10.07
N SER T 252 32.46 -30.58 9.00
CA SER T 252 31.12 -30.63 8.44
C SER T 252 30.30 -31.82 8.97
N ASN T 253 29.06 -31.92 8.47
CA ASN T 253 28.17 -33.06 8.66
C ASN T 253 27.99 -33.47 10.13
N PHE T 254 27.91 -32.47 11.00
CA PHE T 254 27.95 -32.67 12.46
C PHE T 254 27.09 -33.81 13.00
N GLY T 255 25.86 -33.94 12.51
CA GLY T 255 24.97 -34.96 13.05
C GLY T 255 25.43 -36.39 12.86
N GLY T 256 26.38 -36.62 11.96
CA GLY T 256 26.99 -37.93 11.81
C GLY T 256 26.23 -38.91 10.94
N GLY T 257 25.31 -38.44 10.09
CA GLY T 257 24.60 -39.31 9.18
C GLY T 257 23.51 -40.17 9.79
N GLY T 258 23.48 -40.31 11.12
CA GLY T 258 22.45 -41.13 11.74
C GLY T 258 21.08 -40.46 11.73
N SER T 259 20.05 -41.30 11.59
CA SER T 259 18.67 -40.87 11.72
C SER T 259 18.18 -41.07 13.15
N TYR T 260 17.02 -40.46 13.45
CA TYR T 260 16.38 -40.53 14.75
C TYR T 260 17.24 -40.02 15.90
N ASN T 261 18.31 -39.29 15.60
CA ASN T 261 19.11 -38.70 16.66
C ASN T 261 18.35 -37.56 17.34
N ASP T 262 18.73 -37.30 18.59
CA ASP T 262 18.06 -36.32 19.45
C ASP T 262 19.17 -35.47 20.07
N PHE T 263 19.43 -34.29 19.50
CA PHE T 263 20.53 -33.48 19.99
C PHE T 263 20.13 -32.84 21.31
N GLY T 264 21.11 -32.69 22.20
CA GLY T 264 20.83 -32.29 23.56
C GLY T 264 20.43 -30.82 23.70
N ASN T 265 20.42 -30.40 24.95
CA ASN T 265 20.03 -29.05 25.33
C ASN T 265 21.22 -28.25 25.85
N TYR T 266 21.24 -26.96 25.55
CA TYR T 266 22.28 -26.01 25.97
C TYR T 266 23.67 -26.39 25.49
N ASN T 267 23.81 -27.33 24.57
CA ASN T 267 25.13 -27.72 24.11
C ASN T 267 25.81 -26.58 23.36
N ASN T 268 27.12 -26.67 23.22
CA ASN T 268 27.85 -25.96 22.18
C ASN T 268 28.23 -26.94 21.08
N GLN T 269 27.71 -26.70 19.87
CA GLN T 269 27.90 -27.59 18.75
C GLN T 269 28.49 -26.86 17.54
N SER T 270 29.01 -25.65 17.75
CA SER T 270 29.46 -24.80 16.66
C SER T 270 30.75 -25.30 16.03
N SER T 271 30.94 -24.95 14.76
CA SER T 271 32.18 -25.15 14.04
C SER T 271 32.76 -23.78 13.70
N ASN T 272 33.97 -23.51 14.18
CA ASN T 272 34.53 -22.17 14.19
C ASN T 272 35.88 -22.17 13.48
N PHE T 273 36.10 -21.20 12.61
CA PHE T 273 37.30 -21.13 11.78
C PHE T 273 37.85 -19.72 11.84
N GLY T 274 39.19 -19.61 11.88
CA GLY T 274 39.83 -18.34 12.11
C GLY T 274 40.22 -18.13 13.56
N PRO T 275 41.01 -17.09 13.82
CA PRO T 275 41.58 -16.92 15.15
C PRO T 275 40.52 -16.51 16.17
N MET T 276 40.63 -17.06 17.37
CA MET T 276 39.61 -16.97 18.39
C MET T 276 40.24 -16.47 19.69
N LYS T 277 39.54 -15.57 20.37
CA LYS T 277 39.97 -15.07 21.66
C LYS T 277 38.82 -15.09 22.65
N GLY T 278 39.12 -15.51 23.88
CA GLY T 278 38.13 -15.69 24.92
C GLY T 278 37.80 -17.13 25.24
N GLY T 279 38.25 -18.08 24.42
CA GLY T 279 38.12 -19.48 24.72
C GLY T 279 36.77 -20.05 24.31
N ASN T 280 36.72 -21.39 24.23
CA ASN T 280 35.52 -22.12 23.89
C ASN T 280 34.97 -22.80 25.14
N PHE T 281 33.67 -22.66 25.37
CA PHE T 281 33.04 -23.19 26.57
C PHE T 281 31.88 -24.09 26.19
N GLY T 282 31.57 -25.04 27.06
CA GLY T 282 30.32 -25.76 27.00
C GLY T 282 29.15 -24.94 27.50
N GLY T 283 28.06 -25.64 27.82
CA GLY T 283 26.94 -25.01 28.48
C GLY T 283 27.29 -24.53 29.87
N ARG T 284 26.43 -23.68 30.41
CA ARG T 284 26.56 -23.18 31.78
C ARG T 284 25.21 -23.29 32.48
N SER T 285 25.25 -23.59 33.77
CA SER T 285 24.04 -23.65 34.57
C SER T 285 24.26 -22.95 35.89
N SER T 286 23.24 -22.22 36.35
CA SER T 286 23.08 -21.90 37.76
C SER T 286 21.91 -22.70 38.30
N GLY T 287 22.17 -23.54 39.30
CA GLY T 287 21.23 -24.53 39.73
C GLY T 287 19.99 -23.94 40.35
N PRO T 288 18.92 -24.72 40.39
CA PRO T 288 17.62 -24.18 40.82
C PRO T 288 17.68 -23.61 42.23
N TYR T 289 17.02 -22.47 42.41
CA TYR T 289 17.10 -21.70 43.64
C TYR T 289 15.92 -22.04 44.55
N GLY T 290 16.07 -21.69 45.82
CA GLY T 290 14.97 -21.86 46.75
C GLY T 290 14.64 -23.30 47.06
N GLY T 291 15.62 -24.20 46.96
CA GLY T 291 15.43 -25.59 47.34
C GLY T 291 15.00 -26.51 46.22
N GLY T 292 15.00 -26.06 44.98
CA GLY T 292 14.76 -26.95 43.87
C GLY T 292 15.92 -27.90 43.64
N GLY T 293 15.60 -29.09 43.14
CA GLY T 293 16.60 -30.07 42.81
C GLY T 293 16.90 -30.12 41.32
N GLN T 294 18.09 -30.62 41.00
CA GLN T 294 18.51 -30.84 39.63
C GLN T 294 18.68 -32.34 39.40
N TYR T 295 17.98 -32.87 38.40
CA TYR T 295 17.85 -34.31 38.21
C TYR T 295 18.15 -34.69 36.78
N PHE T 296 18.92 -35.76 36.60
CA PHE T 296 19.21 -36.34 35.30
C PHE T 296 18.84 -37.81 35.33
N ALA T 297 18.27 -38.29 34.22
CA ALA T 297 17.89 -39.69 34.11
C ALA T 297 17.97 -40.17 32.66
#